data_1QA7
#
_entry.id   1QA7
#
_cell.length_a   50.562
_cell.length_b   78.357
_cell.length_c   105.287
_cell.angle_alpha   90.00
_cell.angle_beta   97.50
_cell.angle_gamma   90.00
#
_symmetry.space_group_name_H-M   'P 1 21 1'
#
loop_
_entity.id
_entity.type
_entity.pdbx_description
1 polymer 'HAV 3C PROTEINASE'
2 non-polymer N-(iodoacetyl)-L-valyl-L-phenylalaninamide
3 non-polymer 'DIMETHYL SULFOXIDE'
4 non-polymer GLYCEROL
5 water water
#
_entity_poly.entity_id   1
_entity_poly.type   'polypeptide(L)'
_entity_poly.pdbx_seq_one_letter_code
;STLEIAGLVRKNLVQFGVGEKNGSVRWVMNALGVKDDWLLVPSHAYKFEKDYEMMEFYFNRGGTYYSISAGNVVIQSLDV
GAQDVVLMKVPTIPKFRDITQHFIKKGDVPRALNRLATLVTTVNGTPMLISEGPLKMEEKATYVHKKNDGTTVDLTVDQA
WRGKGEGLPGMCGGALVSSNQSIQNAILGIHVAGGNSILVAKLVTQEMFQNIDKKIE
;
_entity_poly.pdbx_strand_id   A,B,C,D
#
# COMPACT_ATOMS: atom_id res chain seq x y z
N SER A 1 -8.51 25.99 21.45
CA SER A 1 -7.41 25.49 20.66
C SER A 1 -7.38 26.23 19.37
N THR A 2 -6.24 26.12 18.69
CA THR A 2 -6.08 26.74 17.39
C THR A 2 -7.01 26.09 16.40
N LEU A 3 -7.05 24.78 16.44
CA LEU A 3 -7.88 24.04 15.50
C LEU A 3 -9.33 24.41 15.57
N GLU A 4 -9.82 24.52 16.79
CA GLU A 4 -11.20 24.85 16.99
C GLU A 4 -11.57 26.15 16.26
N ILE A 5 -10.73 27.18 16.40
CA ILE A 5 -10.97 28.48 15.79
C ILE A 5 -10.73 28.44 14.30
N ALA A 6 -9.67 27.72 13.90
CA ALA A 6 -9.44 27.38 12.47
C ALA A 6 -10.73 26.76 11.86
N GLY A 7 -11.33 25.83 12.61
CA GLY A 7 -12.63 25.24 12.32
C GLY A 7 -13.61 26.33 11.94
N LEU A 8 -14.03 27.16 12.89
CA LEU A 8 -14.97 28.25 12.58
C LEU A 8 -14.63 29.04 11.34
N VAL A 9 -13.35 29.31 11.16
CA VAL A 9 -12.91 30.14 10.05
C VAL A 9 -13.11 29.51 8.67
N ARG A 10 -12.66 28.26 8.54
CA ARG A 10 -12.82 27.45 7.33
C ARG A 10 -14.26 27.38 6.89
N LYS A 11 -15.17 27.15 7.82
CA LYS A 11 -16.56 27.15 7.44
C LYS A 11 -17.07 28.48 6.88
N ASN A 12 -16.40 29.59 7.14
CA ASN A 12 -16.93 30.88 6.70
C ASN A 12 -16.13 31.49 5.58
N LEU A 13 -15.05 30.83 5.25
CA LEU A 13 -14.10 31.31 4.25
C LEU A 13 -14.61 30.98 2.83
N VAL A 14 -14.64 31.97 1.94
CA VAL A 14 -15.00 31.76 0.51
C VAL A 14 -13.87 32.24 -0.42
N GLN A 15 -13.92 31.89 -1.70
CA GLN A 15 -12.94 32.37 -2.67
C GLN A 15 -13.57 33.63 -3.24
N PHE A 16 -12.78 34.64 -3.58
CA PHE A 16 -13.37 35.85 -4.10
C PHE A 16 -12.81 36.02 -5.48
N GLY A 17 -13.66 36.38 -6.43
CA GLY A 17 -13.17 36.57 -7.78
C GLY A 17 -13.91 37.66 -8.47
N VAL A 18 -13.41 38.04 -9.63
CA VAL A 18 -14.09 39.05 -10.40
C VAL A 18 -14.30 38.55 -11.83
N GLY A 19 -15.38 39.00 -12.45
CA GLY A 19 -15.61 38.63 -13.81
C GLY A 19 -16.88 39.25 -14.34
N GLU A 20 -17.04 39.20 -15.67
CA GLU A 20 -18.24 39.68 -16.34
C GLU A 20 -19.35 38.69 -15.99
N LYS A 21 -20.60 39.16 -15.95
CA LYS A 21 -21.75 38.32 -15.63
C LYS A 21 -21.79 36.95 -16.30
N ASN A 22 -21.55 36.90 -17.62
CA ASN A 22 -21.58 35.62 -18.35
C ASN A 22 -20.20 35.19 -18.80
N GLY A 23 -19.13 35.75 -18.21
CA GLY A 23 -17.78 35.39 -18.60
C GLY A 23 -17.08 34.48 -17.58
N SER A 24 -15.81 34.23 -17.85
CA SER A 24 -14.95 33.47 -16.96
C SER A 24 -14.74 34.23 -15.65
N VAL A 25 -14.90 33.57 -14.53
CA VAL A 25 -14.60 34.21 -13.28
C VAL A 25 -13.13 34.05 -13.02
N ARG A 26 -12.49 35.16 -12.65
CA ARG A 26 -11.07 35.16 -12.29
C ARG A 26 -10.97 35.25 -10.76
N TRP A 27 -10.53 34.16 -10.15
CA TRP A 27 -10.47 34.11 -8.71
C TRP A 27 -9.20 34.85 -8.29
N VAL A 28 -9.38 35.82 -7.40
CA VAL A 28 -8.29 36.70 -7.05
C VAL A 28 -7.74 36.30 -5.70
N MET A 29 -8.63 35.99 -4.76
CA MET A 29 -8.24 35.58 -3.41
C MET A 29 -9.41 35.04 -2.61
N ASN A 30 -9.28 35.14 -1.28
CA ASN A 30 -10.34 34.76 -0.32
C ASN A 30 -11.09 35.93 0.33
N ALA A 31 -12.29 35.65 0.84
CA ALA A 31 -13.10 36.55 1.59
C ALA A 31 -13.65 35.75 2.77
N LEU A 32 -13.86 36.40 3.90
CA LEU A 32 -14.33 35.69 5.09
C LEU A 32 -15.71 36.20 5.52
N GLY A 33 -16.71 35.31 5.55
CA GLY A 33 -18.03 35.76 6.02
C GLY A 33 -17.93 35.91 7.52
N VAL A 34 -18.61 36.90 8.10
CA VAL A 34 -18.55 37.10 9.57
C VAL A 34 -19.89 36.96 10.29
N LYS A 35 -20.97 37.13 9.55
CA LYS A 35 -22.32 36.88 10.05
C LYS A 35 -23.37 37.33 9.04
N ASP A 36 -24.51 36.66 9.00
CA ASP A 36 -25.56 37.09 8.09
C ASP A 36 -25.01 37.02 6.66
N ASP A 37 -25.18 38.07 5.83
CA ASP A 37 -24.64 38.11 4.45
C ASP A 37 -23.50 39.11 4.31
N TRP A 38 -22.73 39.27 5.38
CA TRP A 38 -21.59 40.18 5.44
C TRP A 38 -20.28 39.43 5.44
N LEU A 39 -19.34 39.91 4.63
CA LEU A 39 -18.04 39.28 4.60
C LEU A 39 -17.01 40.35 4.76
N LEU A 40 -15.83 39.95 5.20
CA LEU A 40 -14.63 40.78 5.17
C LEU A 40 -13.92 40.54 3.86
N VAL A 41 -13.49 41.61 3.20
CA VAL A 41 -12.74 41.54 1.93
C VAL A 41 -11.58 42.58 1.83
N PRO A 42 -10.39 42.13 1.51
CA PRO A 42 -9.30 43.07 1.29
C PRO A 42 -9.61 43.96 0.08
N SER A 43 -9.56 45.26 0.27
CA SER A 43 -9.91 46.21 -0.78
C SER A 43 -9.05 46.02 -2.01
N HIS A 44 -7.93 45.32 -1.84
CA HIS A 44 -7.00 45.08 -2.94
C HIS A 44 -7.54 44.07 -3.93
N ALA A 45 -8.54 43.31 -3.52
CA ALA A 45 -9.14 42.32 -4.39
C ALA A 45 -9.84 42.90 -5.61
N TYR A 46 -10.28 44.15 -5.53
CA TYR A 46 -10.98 44.75 -6.67
C TYR A 46 -10.52 46.19 -6.97
N LYS A 47 -9.78 46.76 -6.02
CA LYS A 47 -9.33 48.17 -6.08
C LYS A 47 -8.46 48.62 -7.26
N PHE A 48 -7.94 47.69 -8.04
CA PHE A 48 -7.15 48.14 -9.17
C PHE A 48 -7.78 47.70 -10.44
N GLU A 49 -8.97 47.12 -10.29
CA GLU A 49 -9.74 46.69 -11.45
C GLU A 49 -9.98 47.93 -12.24
N LYS A 50 -10.17 47.74 -13.53
CA LYS A 50 -10.25 48.81 -14.49
C LYS A 50 -11.72 49.16 -14.71
N ASP A 51 -12.49 48.14 -15.05
CA ASP A 51 -13.83 48.35 -15.47
C ASP A 51 -14.91 47.85 -14.52
N TYR A 52 -15.56 48.80 -13.84
CA TYR A 52 -16.62 48.52 -12.88
C TYR A 52 -17.94 48.44 -13.61
N GLU A 53 -17.98 48.93 -14.84
CA GLU A 53 -19.27 48.88 -15.53
C GLU A 53 -19.83 47.46 -15.65
N MET A 54 -18.98 46.51 -15.99
CA MET A 54 -19.47 45.15 -16.19
C MET A 54 -18.76 44.15 -15.29
N MET A 55 -18.50 44.55 -14.06
CA MET A 55 -17.79 43.69 -13.15
C MET A 55 -18.71 43.20 -12.08
N GLU A 56 -18.72 41.89 -11.90
CA GLU A 56 -19.51 41.27 -10.87
C GLU A 56 -18.48 40.78 -9.90
N PHE A 57 -18.85 40.68 -8.63
CA PHE A 57 -17.92 40.12 -7.64
C PHE A 57 -18.39 38.70 -7.35
N TYR A 58 -17.49 37.74 -7.36
CA TYR A 58 -17.93 36.37 -7.17
C TYR A 58 -17.46 35.81 -5.86
N PHE A 59 -18.34 35.06 -5.23
CA PHE A 59 -18.02 34.37 -4.02
C PHE A 59 -18.44 32.88 -4.16
N ASN A 60 -17.46 32.01 -3.98
CA ASN A 60 -17.64 30.57 -4.07
C ASN A 60 -17.88 30.06 -2.67
N ARG A 61 -19.13 29.74 -2.40
CA ARG A 61 -19.56 29.27 -1.09
C ARG A 61 -20.19 27.92 -1.31
N GLY A 62 -19.37 26.88 -1.12
CA GLY A 62 -19.78 25.48 -1.28
C GLY A 62 -19.94 25.03 -2.74
N GLY A 63 -18.94 25.31 -3.57
CA GLY A 63 -19.06 24.96 -4.97
C GLY A 63 -20.12 25.75 -5.76
N THR A 64 -20.84 26.67 -5.14
CA THR A 64 -21.74 27.54 -5.92
C THR A 64 -21.18 28.94 -5.95
N TYR A 65 -21.24 29.59 -7.11
CA TYR A 65 -20.77 30.96 -7.25
C TYR A 65 -21.90 31.96 -7.13
N TYR A 66 -21.93 32.64 -5.98
CA TYR A 66 -22.89 33.72 -5.75
C TYR A 66 -22.26 35.03 -6.18
N SER A 67 -23.07 35.98 -6.62
CA SER A 67 -22.49 37.21 -7.14
C SER A 67 -23.31 38.49 -6.86
N ILE A 68 -22.67 39.63 -7.06
CA ILE A 68 -23.30 40.94 -6.90
C ILE A 68 -22.51 41.95 -7.69
N SER A 69 -23.25 42.81 -8.38
CA SER A 69 -22.64 43.86 -9.17
C SER A 69 -21.89 44.88 -8.29
N ALA A 70 -20.70 45.29 -8.73
CA ALA A 70 -19.93 46.36 -8.06
C ALA A 70 -20.75 47.64 -8.01
N GLY A 71 -21.73 47.76 -8.90
CA GLY A 71 -22.58 48.94 -8.95
C GLY A 71 -23.72 48.85 -7.94
N ASN A 72 -23.93 47.67 -7.38
CA ASN A 72 -25.05 47.41 -6.53
C ASN A 72 -24.54 47.00 -5.17
N VAL A 73 -23.23 46.84 -5.00
CA VAL A 73 -22.73 46.37 -3.71
C VAL A 73 -22.85 47.38 -2.61
N VAL A 74 -23.21 46.91 -1.43
CA VAL A 74 -23.18 47.73 -0.24
C VAL A 74 -21.85 47.40 0.48
N ILE A 75 -20.98 48.40 0.55
CA ILE A 75 -19.69 48.23 1.17
C ILE A 75 -19.53 49.08 2.43
N GLN A 76 -19.19 48.45 3.55
CA GLN A 76 -19.04 49.17 4.81
C GLN A 76 -17.62 49.15 5.29
N SER A 77 -17.18 50.31 5.75
CA SER A 77 -15.85 50.56 6.32
C SER A 77 -15.75 49.95 7.72
N LEU A 78 -14.56 49.45 8.08
CA LEU A 78 -14.40 48.82 9.41
C LEU A 78 -14.13 49.87 10.50
N ASP A 79 -13.31 50.85 10.16
CA ASP A 79 -13.05 51.94 11.06
C ASP A 79 -12.83 53.17 10.21
N VAL A 80 -12.22 54.17 10.82
CA VAL A 80 -11.88 55.38 10.11
C VAL A 80 -10.51 55.25 9.52
N GLY A 81 -10.25 56.17 8.59
CA GLY A 81 -8.98 56.18 7.92
C GLY A 81 -8.93 55.19 6.75
N ALA A 82 -7.70 54.75 6.51
CA ALA A 82 -7.28 53.91 5.41
C ALA A 82 -8.33 53.17 4.58
N GLN A 83 -8.70 52.00 5.09
CA GLN A 83 -9.57 51.05 4.41
C GLN A 83 -8.89 50.04 3.50
N ASP A 84 -8.19 49.05 4.08
CA ASP A 84 -7.60 47.95 3.31
C ASP A 84 -8.47 46.70 3.38
N VAL A 85 -9.40 46.67 4.31
CA VAL A 85 -10.31 45.56 4.40
C VAL A 85 -11.60 46.23 4.71
N VAL A 86 -12.67 45.79 4.06
CA VAL A 86 -13.96 46.43 4.20
C VAL A 86 -14.91 45.32 4.46
N LEU A 87 -16.15 45.71 4.73
CA LEU A 87 -17.19 44.75 4.91
C LEU A 87 -18.11 44.90 3.72
N MET A 88 -18.50 43.78 3.14
CA MET A 88 -19.30 43.73 1.94
C MET A 88 -20.52 42.86 2.18
N LYS A 89 -21.65 43.31 1.68
CA LYS A 89 -22.84 42.56 1.84
C LYS A 89 -23.21 41.91 0.53
N VAL A 90 -23.63 40.67 0.62
CA VAL A 90 -24.01 39.88 -0.53
C VAL A 90 -25.26 39.17 -0.15
N PRO A 91 -26.36 39.87 -0.38
CA PRO A 91 -27.67 39.46 0.03
C PRO A 91 -28.16 38.10 -0.41
N THR A 92 -27.58 37.54 -1.45
CA THR A 92 -28.02 36.23 -1.91
C THR A 92 -27.13 35.13 -1.39
N ILE A 93 -26.09 35.49 -0.66
CA ILE A 93 -25.20 34.49 -0.07
C ILE A 93 -25.85 33.66 1.02
N PRO A 94 -25.57 32.35 0.97
CA PRO A 94 -25.99 31.44 2.01
C PRO A 94 -25.34 31.96 3.33
N LYS A 95 -26.18 32.24 4.32
CA LYS A 95 -25.72 32.89 5.53
C LYS A 95 -24.62 32.23 6.35
N PHE A 96 -23.80 33.06 6.98
CA PHE A 96 -22.66 32.61 7.75
C PHE A 96 -23.04 32.63 9.20
N ARG A 97 -22.50 31.67 9.91
CA ARG A 97 -22.61 31.67 11.36
C ARG A 97 -21.71 32.81 11.85
N ASP A 98 -22.31 33.58 12.73
CA ASP A 98 -21.68 34.78 13.26
C ASP A 98 -20.42 34.40 14.02
N ILE A 99 -19.27 34.80 13.52
CA ILE A 99 -18.02 34.51 14.21
C ILE A 99 -17.39 35.82 14.69
N THR A 100 -18.22 36.87 14.74
CA THR A 100 -17.72 38.18 15.16
C THR A 100 -17.06 38.18 16.57
N GLN A 101 -17.63 37.41 17.50
CA GLN A 101 -17.09 37.37 18.86
C GLN A 101 -15.78 36.62 19.07
N HIS A 102 -15.30 35.96 18.02
CA HIS A 102 -14.03 35.22 18.04
C HIS A 102 -12.90 36.16 17.62
N PHE A 103 -13.30 37.37 17.25
CA PHE A 103 -12.37 38.40 16.88
C PHE A 103 -11.81 39.09 18.14
N ILE A 104 -10.50 39.31 18.13
CA ILE A 104 -9.78 39.86 19.25
C ILE A 104 -10.32 41.23 19.66
N LYS A 105 -10.40 41.47 20.96
CA LYS A 105 -10.80 42.77 21.49
C LYS A 105 -9.59 43.69 21.40
N LYS A 106 -9.82 44.96 21.07
CA LYS A 106 -8.74 45.93 20.93
C LYS A 106 -7.75 45.92 22.11
N GLY A 107 -8.27 45.72 23.32
CA GLY A 107 -7.44 45.74 24.54
C GLY A 107 -6.75 44.42 24.75
N ASP A 108 -7.06 43.44 23.91
CA ASP A 108 -6.42 42.17 24.04
C ASP A 108 -5.25 42.01 23.09
N VAL A 109 -5.13 42.93 22.15
CA VAL A 109 -4.06 42.88 21.15
C VAL A 109 -2.65 42.58 21.68
N PRO A 110 -2.29 43.14 22.85
CA PRO A 110 -0.95 42.94 23.34
C PRO A 110 -0.72 41.48 23.74
N ARG A 111 -1.81 40.75 23.98
CA ARG A 111 -1.72 39.32 24.33
C ARG A 111 -1.39 38.38 23.19
N ALA A 112 -1.48 38.88 21.95
CA ALA A 112 -1.17 38.11 20.70
C ALA A 112 0.25 38.34 20.20
N LEU A 113 0.82 39.45 20.61
CA LEU A 113 2.15 39.80 20.19
C LEU A 113 3.12 38.77 20.67
N ASN A 114 4.19 38.61 19.89
CA ASN A 114 5.30 37.77 20.26
C ASN A 114 4.90 36.35 20.53
N ARG A 115 3.76 35.99 19.96
CA ARG A 115 3.32 34.61 19.95
C ARG A 115 3.29 34.23 18.48
N LEU A 116 3.27 32.93 18.23
CA LEU A 116 3.12 32.45 16.87
C LEU A 116 1.64 32.59 16.59
N ALA A 117 1.26 32.38 15.35
CA ALA A 117 -0.15 32.37 15.03
C ALA A 117 -0.22 31.53 13.77
N THR A 118 -1.45 31.27 13.35
CA THR A 118 -1.72 30.42 12.19
C THR A 118 -2.62 31.10 11.19
N LEU A 119 -2.11 31.26 9.98
CA LEU A 119 -2.87 31.82 8.88
C LEU A 119 -3.75 30.70 8.28
N VAL A 120 -5.05 30.79 8.45
CA VAL A 120 -6.02 29.80 7.96
C VAL A 120 -6.55 30.33 6.62
N THR A 121 -6.08 29.76 5.50
CA THR A 121 -6.47 30.23 4.17
C THR A 121 -6.85 29.15 3.16
N THR A 122 -6.75 29.53 1.90
CA THR A 122 -7.05 28.65 0.80
C THR A 122 -6.12 29.00 -0.33
N VAL A 123 -5.64 28.00 -1.05
CA VAL A 123 -4.96 28.28 -2.30
C VAL A 123 -5.56 27.41 -3.33
N ASN A 124 -6.15 28.09 -4.30
CA ASN A 124 -7.07 27.53 -5.26
C ASN A 124 -7.68 26.19 -5.04
N GLY A 125 -8.72 26.21 -4.21
CA GLY A 125 -9.39 25.03 -3.78
C GLY A 125 -8.81 24.80 -2.41
N THR A 126 -7.55 24.37 -2.41
CA THR A 126 -6.84 23.91 -1.23
C THR A 126 -6.64 24.80 -0.05
N PRO A 127 -7.28 24.40 1.03
CA PRO A 127 -7.16 25.08 2.28
C PRO A 127 -5.82 24.74 2.88
N MET A 128 -5.19 25.71 3.50
CA MET A 128 -3.94 25.50 4.20
C MET A 128 -3.94 26.07 5.63
N LEU A 129 -2.95 25.67 6.39
CA LEU A 129 -2.74 26.22 7.72
C LEU A 129 -1.27 26.62 7.74
N ILE A 130 -1.00 27.91 7.58
CA ILE A 130 0.34 28.40 7.50
C ILE A 130 0.82 28.99 8.83
N SER A 131 1.88 28.41 9.37
CA SER A 131 2.49 28.90 10.60
C SER A 131 3.21 30.26 10.45
N GLU A 132 3.00 31.17 11.41
CA GLU A 132 3.72 32.43 11.36
C GLU A 132 4.05 32.76 12.76
N GLY A 133 4.75 33.87 12.90
CA GLY A 133 4.99 34.44 14.22
C GLY A 133 6.46 34.25 14.56
N PRO A 134 6.85 34.73 15.75
CA PRO A 134 5.92 35.42 16.65
C PRO A 134 5.52 36.75 16.04
N LEU A 135 4.31 37.15 16.35
CA LEU A 135 3.74 38.32 15.70
C LEU A 135 4.29 39.64 16.23
N LYS A 136 4.58 40.55 15.31
CA LYS A 136 4.97 41.92 15.60
C LYS A 136 3.84 42.81 15.14
N MET A 137 3.92 44.10 15.45
CA MET A 137 2.92 45.00 14.98
C MET A 137 3.50 46.35 14.66
N GLU A 138 2.92 46.97 13.64
CA GLU A 138 3.35 48.28 13.17
C GLU A 138 2.13 49.19 12.98
N GLU A 139 2.20 50.41 13.47
CA GLU A 139 1.11 51.37 13.29
C GLU A 139 1.01 51.72 11.79
N LYS A 140 2.17 51.88 11.18
CA LYS A 140 2.23 52.23 9.76
C LYS A 140 3.49 51.75 9.12
N ALA A 141 3.33 51.11 7.97
CA ALA A 141 4.47 50.67 7.20
C ALA A 141 4.09 50.31 5.76
N THR A 142 5.11 50.18 4.92
CA THR A 142 4.90 49.86 3.54
C THR A 142 5.47 48.48 3.25
N TYR A 143 4.59 47.59 2.83
CA TYR A 143 4.92 46.18 2.69
C TYR A 143 4.96 45.58 1.26
N VAL A 144 5.92 44.67 1.03
CA VAL A 144 6.12 44.03 -0.28
C VAL A 144 5.13 42.91 -0.54
N HIS A 145 4.73 42.72 -1.81
CA HIS A 145 3.78 41.66 -2.23
C HIS A 145 4.14 41.00 -3.59
N LYS A 146 3.16 40.44 -4.32
CA LYS A 146 3.42 39.69 -5.58
C LYS A 146 2.75 40.12 -6.93
N LYS A 147 3.61 40.34 -7.95
CA LYS A 147 3.30 40.74 -9.35
C LYS A 147 4.69 40.89 -10.04
N ASN A 148 4.99 40.09 -11.06
CA ASN A 148 6.37 40.09 -11.60
C ASN A 148 6.71 40.60 -13.01
N ASP A 149 5.80 41.23 -13.74
CA ASP A 149 6.12 41.56 -15.14
C ASP A 149 6.06 43.06 -15.50
N GLY A 150 5.02 43.72 -14.99
CA GLY A 150 4.83 45.14 -15.21
C GLY A 150 5.07 45.95 -13.91
N THR A 151 4.53 45.46 -12.78
CA THR A 151 4.60 46.20 -11.50
C THR A 151 4.49 45.34 -10.25
N THR A 152 5.46 45.40 -9.34
CA THR A 152 5.31 44.66 -8.06
C THR A 152 4.27 45.29 -7.16
N VAL A 153 3.96 44.65 -6.03
CA VAL A 153 3.01 45.22 -5.10
C VAL A 153 3.44 45.49 -3.65
N ASP A 154 3.77 46.74 -3.37
CA ASP A 154 4.12 47.13 -2.02
C ASP A 154 2.90 47.85 -1.42
N LEU A 155 2.57 47.50 -0.19
CA LEU A 155 1.36 48.02 0.40
C LEU A 155 1.66 48.72 1.72
N THR A 156 1.21 49.97 1.82
CA THR A 156 1.35 50.70 3.06
C THR A 156 0.08 50.29 3.79
N VAL A 157 0.26 49.59 4.89
CA VAL A 157 -0.87 49.12 5.66
C VAL A 157 -0.79 49.67 7.06
N ASP A 158 -1.93 50.12 7.58
CA ASP A 158 -1.98 50.64 8.91
C ASP A 158 -2.48 49.54 9.81
N GLN A 159 -2.10 49.65 11.10
CA GLN A 159 -2.49 48.72 12.15
C GLN A 159 -2.35 47.29 11.64
N ALA A 160 -1.13 46.89 11.30
CA ALA A 160 -0.90 45.59 10.72
C ALA A 160 0.00 44.61 11.48
N TRP A 161 -0.48 43.40 11.67
CA TRP A 161 0.35 42.28 12.16
C TRP A 161 1.37 41.90 11.12
N ARG A 162 2.56 41.49 11.55
CA ARG A 162 3.62 41.05 10.62
C ARG A 162 4.26 39.82 11.23
N GLY A 163 4.34 38.73 10.46
CA GLY A 163 4.88 37.49 11.03
C GLY A 163 5.78 36.84 10.01
N LYS A 164 6.92 36.34 10.46
CA LYS A 164 7.85 35.66 9.57
C LYS A 164 7.07 34.49 8.99
N GLY A 165 7.21 34.25 7.71
CA GLY A 165 6.49 33.12 7.14
C GLY A 165 6.64 33.02 5.64
N GLU A 166 6.24 31.87 5.11
CA GLU A 166 6.30 31.63 3.69
C GLU A 166 4.91 31.25 3.24
N GLY A 167 4.39 32.01 2.29
CA GLY A 167 3.03 31.76 1.79
C GLY A 167 3.02 31.77 0.27
N LEU A 168 1.83 31.88 -0.31
CA LEU A 168 1.66 31.90 -1.74
C LEU A 168 0.63 32.92 -2.08
N PRO A 169 0.64 33.40 -3.31
CA PRO A 169 -0.36 34.34 -3.75
C PRO A 169 -1.66 33.57 -3.70
N GLY A 170 -2.77 34.29 -3.55
CA GLY A 170 -4.07 33.67 -3.37
C GLY A 170 -4.43 33.57 -1.88
N MET A 171 -3.43 33.69 -1.01
CA MET A 171 -3.69 33.57 0.42
C MET A 171 -4.42 34.79 1.04
N CYS A 172 -4.40 35.92 0.37
CA CYS A 172 -5.00 37.11 0.95
C CYS A 172 -6.45 36.88 1.20
N GLY A 173 -6.95 37.44 2.30
CA GLY A 173 -8.35 37.28 2.68
C GLY A 173 -8.56 36.16 3.68
N GLY A 174 -7.52 35.39 3.95
CA GLY A 174 -7.60 34.37 4.98
C GLY A 174 -7.40 35.06 6.32
N ALA A 175 -7.86 34.39 7.37
CA ALA A 175 -7.83 34.87 8.76
C ALA A 175 -6.64 34.33 9.61
N LEU A 176 -6.08 35.23 10.42
CA LEU A 176 -4.96 34.95 11.34
C LEU A 176 -5.49 34.63 12.73
N VAL A 177 -5.05 33.49 13.26
CA VAL A 177 -5.58 32.90 14.47
C VAL A 177 -4.45 32.77 15.47
N SER A 178 -4.63 33.41 16.64
CA SER A 178 -3.60 33.40 17.69
C SER A 178 -3.52 32.00 18.30
N SER A 179 -2.30 31.61 18.66
CA SER A 179 -2.08 30.38 19.42
C SER A 179 -2.25 30.65 20.93
N ASN A 180 -2.31 31.91 21.34
CA ASN A 180 -2.51 32.20 22.76
C ASN A 180 -3.85 31.63 23.20
N GLN A 181 -3.85 30.51 23.91
CA GLN A 181 -5.12 30.01 24.38
C GLN A 181 -5.75 30.83 25.50
N SER A 182 -5.02 31.78 26.10
CA SER A 182 -5.64 32.66 27.14
C SER A 182 -6.58 33.75 26.59
N ILE A 183 -6.49 34.03 25.30
CA ILE A 183 -7.42 34.95 24.68
C ILE A 183 -8.26 34.16 23.69
N GLN A 184 -8.42 32.88 23.99
CA GLN A 184 -9.25 32.00 23.18
C GLN A 184 -8.88 31.92 21.68
N ASN A 185 -7.57 31.85 21.40
CA ASN A 185 -7.04 31.70 20.05
C ASN A 185 -7.75 32.64 19.08
N ALA A 186 -7.91 33.88 19.52
CA ALA A 186 -8.66 34.93 18.82
C ALA A 186 -8.26 35.11 17.37
N ILE A 187 -9.23 35.43 16.52
CA ILE A 187 -8.89 35.86 15.17
C ILE A 187 -8.36 37.28 15.32
N LEU A 188 -7.22 37.53 14.70
CA LEU A 188 -6.51 38.79 14.82
C LEU A 188 -6.74 39.74 13.65
N GLY A 189 -7.12 39.23 12.50
CA GLY A 189 -7.22 40.10 11.33
C GLY A 189 -7.14 39.27 10.04
N ILE A 190 -6.94 39.97 8.93
CA ILE A 190 -7.03 39.38 7.61
C ILE A 190 -5.74 39.51 6.87
N HIS A 191 -5.30 38.44 6.21
CA HIS A 191 -4.06 38.52 5.49
C HIS A 191 -4.13 39.37 4.22
N VAL A 192 -3.18 40.30 4.10
CA VAL A 192 -3.20 41.28 3.02
C VAL A 192 -1.94 41.34 2.20
N ALA A 193 -0.86 40.72 2.64
CA ALA A 193 0.40 40.86 1.88
C ALA A 193 1.45 39.86 2.35
N GLY A 194 2.28 39.40 1.42
CA GLY A 194 3.24 38.36 1.72
C GLY A 194 4.43 38.39 0.78
N GLY A 195 5.58 38.74 1.33
CA GLY A 195 6.82 38.82 0.59
C GLY A 195 8.03 38.96 1.51
N ASN A 196 9.15 38.41 1.07
CA ASN A 196 10.37 38.47 1.85
C ASN A 196 10.25 37.71 3.17
N SER A 197 9.59 36.56 3.15
CA SER A 197 9.38 35.75 4.36
C SER A 197 8.71 36.44 5.54
N ILE A 198 7.91 37.46 5.20
CA ILE A 198 7.15 38.21 6.16
C ILE A 198 5.70 38.11 5.72
N LEU A 199 4.78 37.93 6.66
CA LEU A 199 3.37 37.84 6.30
C LEU A 199 2.61 38.97 7.02
N VAL A 200 1.78 39.72 6.28
CA VAL A 200 1.10 40.86 6.87
C VAL A 200 -0.40 40.72 6.83
N ALA A 201 -1.00 41.06 7.96
CA ALA A 201 -2.43 40.96 8.15
C ALA A 201 -2.95 42.23 8.81
N LYS A 202 -4.04 42.78 8.29
CA LYS A 202 -4.61 43.97 8.87
C LYS A 202 -5.31 43.57 10.12
N LEU A 203 -5.18 44.38 11.17
CA LEU A 203 -5.79 44.02 12.42
C LEU A 203 -7.26 44.21 12.26
N VAL A 204 -8.05 43.24 12.71
CA VAL A 204 -9.49 43.40 12.74
C VAL A 204 -9.95 43.01 14.11
N THR A 205 -10.67 43.93 14.79
CA THR A 205 -11.09 43.71 16.19
C THR A 205 -12.59 43.57 16.26
N GLN A 206 -13.04 42.96 17.33
CA GLN A 206 -14.44 42.71 17.60
C GLN A 206 -15.31 43.95 17.48
N GLU A 207 -14.75 45.05 17.95
CA GLU A 207 -15.40 46.35 18.00
C GLU A 207 -15.73 46.92 16.60
N MET A 208 -14.84 46.74 15.63
CA MET A 208 -15.14 47.22 14.29
C MET A 208 -16.44 46.70 13.74
N PHE A 209 -16.98 45.64 14.31
CA PHE A 209 -18.18 45.06 13.73
C PHE A 209 -19.43 45.69 14.27
N GLN A 210 -19.31 46.71 15.09
CA GLN A 210 -20.54 47.34 15.56
C GLN A 210 -21.21 48.20 14.48
N ASN A 211 -20.42 48.63 13.47
CA ASN A 211 -20.93 49.48 12.38
C ASN A 211 -21.49 48.81 11.10
N ILE A 212 -22.32 47.79 11.25
CA ILE A 212 -22.86 47.16 10.06
C ILE A 212 -24.36 47.24 10.03
N ASP A 213 -24.98 46.65 11.06
CA ASP A 213 -26.44 46.69 11.22
C ASP A 213 -26.97 48.11 11.06
N SER B 1 23.37 0.75 18.55
CA SER B 1 23.35 0.25 17.17
C SER B 1 22.07 0.76 16.57
N THR B 2 21.89 0.55 15.28
CA THR B 2 20.67 1.01 14.65
C THR B 2 19.56 0.24 15.31
N LEU B 3 19.73 -1.04 15.51
CA LEU B 3 18.63 -1.82 16.08
C LEU B 3 18.15 -1.36 17.45
N GLU B 4 19.10 -1.01 18.30
CA GLU B 4 18.80 -0.56 19.65
C GLU B 4 17.88 0.68 19.67
N ILE B 5 18.15 1.64 18.81
CA ILE B 5 17.36 2.87 18.72
C ILE B 5 16.04 2.67 17.99
N ALA B 6 16.04 1.71 17.08
CA ALA B 6 14.83 1.30 16.38
C ALA B 6 13.89 0.78 17.46
N GLY B 7 14.43 0.03 18.41
CA GLY B 7 13.58 -0.45 19.47
C GLY B 7 12.96 0.69 20.32
N LEU B 8 13.69 1.77 20.53
CA LEU B 8 13.18 2.91 21.34
C LEU B 8 12.12 3.65 20.56
N VAL B 9 12.35 3.74 19.28
CA VAL B 9 11.36 4.35 18.40
C VAL B 9 10.05 3.57 18.40
N ARG B 10 10.18 2.25 18.36
CA ARG B 10 9.04 1.34 18.41
C ARG B 10 8.13 1.46 19.65
N LYS B 11 8.71 1.51 20.83
CA LYS B 11 7.88 1.67 22.02
C LYS B 11 7.08 2.98 22.03
N ASN B 12 7.55 4.00 21.27
CA ASN B 12 6.87 5.31 21.25
C ASN B 12 6.10 5.58 19.99
N LEU B 13 6.17 4.68 19.02
CA LEU B 13 5.40 4.86 17.80
C LEU B 13 3.90 4.60 18.03
N VAL B 14 3.04 5.49 17.49
CA VAL B 14 1.58 5.31 17.43
C VAL B 14 1.02 5.51 16.01
N GLN B 15 -0.24 5.18 15.82
CA GLN B 15 -0.86 5.47 14.56
C GLN B 15 -1.84 6.55 14.86
N PHE B 16 -2.04 7.39 13.86
CA PHE B 16 -2.97 8.49 13.96
C PHE B 16 -4.17 8.31 13.00
N GLY B 17 -5.36 8.54 13.52
CA GLY B 17 -6.56 8.41 12.72
C GLY B 17 -7.42 9.61 13.00
N VAL B 18 -8.48 9.77 12.21
CA VAL B 18 -9.41 10.88 12.30
C VAL B 18 -10.78 10.28 12.14
N GLY B 19 -11.74 10.74 12.93
CA GLY B 19 -13.11 10.23 12.90
C GLY B 19 -13.93 10.73 11.72
N GLU B 20 -14.67 9.84 11.04
CA GLU B 20 -15.47 10.28 9.92
C GLU B 20 -16.84 10.41 10.53
N LYS B 21 -17.72 11.10 9.83
CA LYS B 21 -19.02 11.37 10.36
C LYS B 21 -19.95 10.18 10.26
N ASN B 22 -19.45 9.10 9.68
CA ASN B 22 -20.25 7.85 9.54
C ASN B 22 -19.96 6.84 10.64
N GLY B 23 -19.12 7.28 11.57
CA GLY B 23 -18.77 6.44 12.69
C GLY B 23 -17.56 5.60 12.40
N SER B 24 -16.90 5.81 11.28
CA SER B 24 -15.63 5.13 11.04
C SER B 24 -14.43 5.95 11.52
N VAL B 25 -13.26 5.34 11.51
CA VAL B 25 -12.07 6.04 11.87
C VAL B 25 -11.12 5.83 10.74
N ARG B 26 -10.78 6.91 10.10
CA ARG B 26 -9.85 6.85 9.00
C ARG B 26 -8.45 7.03 9.51
N TRP B 27 -7.68 5.95 9.44
CA TRP B 27 -6.29 5.93 9.89
C TRP B 27 -5.45 6.60 8.84
N VAL B 28 -4.58 7.51 9.24
CA VAL B 28 -3.93 8.33 8.24
C VAL B 28 -2.45 8.02 8.08
N MET B 29 -1.75 7.95 9.21
CA MET B 29 -0.31 7.75 9.28
C MET B 29 0.15 7.41 10.68
N ASN B 30 1.43 7.62 10.97
CA ASN B 30 1.93 7.29 12.29
C ASN B 30 2.24 8.61 12.92
N ALA B 31 2.54 8.59 14.22
CA ALA B 31 3.00 9.76 15.01
C ALA B 31 4.04 9.17 15.94
N LEU B 32 4.87 10.00 16.55
CA LEU B 32 5.91 9.50 17.42
C LEU B 32 5.88 10.24 18.75
N GLY B 33 5.72 9.53 19.85
CA GLY B 33 5.74 10.12 21.18
C GLY B 33 7.22 10.43 21.43
N VAL B 34 7.49 11.64 21.95
CA VAL B 34 8.88 12.08 22.23
C VAL B 34 9.09 12.25 23.72
N LYS B 35 8.05 12.65 24.44
CA LYS B 35 8.13 12.73 25.88
C LYS B 35 6.82 13.18 26.51
N ASP B 36 6.54 12.69 27.71
CA ASP B 36 5.31 13.00 28.40
C ASP B 36 4.13 12.72 27.50
N ASP B 37 3.30 13.74 27.24
CA ASP B 37 2.12 13.54 26.40
C ASP B 37 2.21 14.23 25.05
N TRP B 38 3.45 14.43 24.61
CA TRP B 38 3.76 15.08 23.36
C TRP B 38 4.14 14.08 22.27
N LEU B 39 3.71 14.34 21.04
CA LEU B 39 4.02 13.48 19.91
C LEU B 39 4.40 14.37 18.77
N LEU B 40 5.27 13.86 17.90
CA LEU B 40 5.60 14.54 16.66
C LEU B 40 4.58 14.02 15.63
N VAL B 41 3.96 14.94 14.89
CA VAL B 41 2.93 14.56 13.93
C VAL B 41 3.14 15.35 12.67
N PRO B 42 3.27 14.68 11.53
CA PRO B 42 3.38 15.44 10.31
C PRO B 42 2.07 16.18 10.15
N SER B 43 2.18 17.46 9.79
CA SER B 43 1.03 18.35 9.70
C SER B 43 0.02 17.95 8.66
N HIS B 44 0.48 17.30 7.57
CA HIS B 44 -0.44 16.83 6.54
C HIS B 44 -1.32 15.69 6.97
N ALA B 45 -1.15 15.28 8.22
CA ALA B 45 -2.05 14.30 8.78
C ALA B 45 -3.47 14.87 9.10
N TYR B 46 -3.58 16.20 9.31
CA TYR B 46 -4.88 16.82 9.65
C TYR B 46 -5.14 18.15 8.93
N LYS B 47 -4.02 18.76 8.52
CA LYS B 47 -3.90 20.06 7.86
C LYS B 47 -4.95 20.30 6.82
N PHE B 48 -5.35 19.26 6.11
CA PHE B 48 -6.25 19.42 4.98
C PHE B 48 -7.67 19.10 5.33
N GLU B 49 -7.95 18.81 6.59
CA GLU B 49 -9.33 18.51 7.00
C GLU B 49 -10.19 19.75 6.67
N LYS B 50 -11.22 19.54 5.86
CA LYS B 50 -12.03 20.62 5.33
C LYS B 50 -12.85 21.24 6.41
N ASP B 51 -13.06 20.41 7.46
CA ASP B 51 -13.91 20.70 8.53
C ASP B 51 -13.20 20.37 9.88
N TYR B 52 -12.58 21.31 10.59
CA TYR B 52 -11.82 20.99 11.87
C TYR B 52 -12.72 21.01 13.09
N GLU B 53 -13.98 21.25 12.83
CA GLU B 53 -14.99 21.43 13.82
C GLU B 53 -15.04 20.34 14.87
N MET B 54 -16.01 19.45 14.70
CA MET B 54 -16.21 18.38 15.67
C MET B 54 -15.39 17.17 15.24
N MET B 55 -14.09 17.35 15.16
CA MET B 55 -13.20 16.30 14.67
C MET B 55 -12.51 15.57 15.82
N GLU B 56 -12.61 14.25 15.81
CA GLU B 56 -11.93 13.47 16.84
C GLU B 56 -10.64 12.80 16.28
N PHE B 57 -9.55 12.83 17.02
CA PHE B 57 -8.29 12.31 16.58
C PHE B 57 -8.13 11.07 17.38
N TYR B 58 -7.56 10.05 16.79
CA TYR B 58 -7.43 8.78 17.46
C TYR B 58 -5.98 8.39 17.49
N PHE B 59 -5.58 7.72 18.56
CA PHE B 59 -4.20 7.31 18.65
C PHE B 59 -4.11 5.86 19.07
N ASN B 60 -3.40 5.07 18.27
CA ASN B 60 -3.24 3.66 18.53
C ASN B 60 -1.94 3.41 19.29
N ARG B 61 -2.08 3.14 20.58
CA ARG B 61 -0.92 2.98 21.46
C ARG B 61 -0.93 1.60 22.09
N GLY B 62 -0.13 0.73 21.50
CA GLY B 62 -0.02 -0.66 21.93
C GLY B 62 -1.30 -1.47 21.78
N GLY B 63 -2.07 -1.17 20.75
CA GLY B 63 -3.32 -1.91 20.58
C GLY B 63 -4.55 -1.20 21.10
N THR B 64 -4.38 -0.19 21.98
CA THR B 64 -5.51 0.61 22.45
C THR B 64 -5.68 1.96 21.80
N TYR B 65 -6.90 2.26 21.41
CA TYR B 65 -7.23 3.48 20.71
C TYR B 65 -7.58 4.65 21.62
N TYR B 66 -6.68 5.61 21.77
CA TYR B 66 -7.03 6.75 22.60
C TYR B 66 -7.54 7.83 21.71
N SER B 67 -8.44 8.65 22.22
CA SER B 67 -9.00 9.71 21.40
C SER B 67 -9.00 11.05 22.12
N ILE B 68 -9.04 12.11 21.32
CA ILE B 68 -9.06 13.49 21.79
C ILE B 68 -9.77 14.31 20.74
N SER B 69 -10.49 15.33 21.17
CA SER B 69 -11.14 16.16 20.18
C SER B 69 -10.12 17.15 19.69
N ALA B 70 -10.16 17.41 18.39
CA ALA B 70 -9.18 18.31 17.79
C ALA B 70 -9.11 19.66 18.54
N GLY B 71 -10.20 20.00 19.22
CA GLY B 71 -10.23 21.26 19.95
C GLY B 71 -9.69 21.12 21.37
N ASN B 72 -9.12 19.97 21.70
CA ASN B 72 -8.59 19.81 23.04
C ASN B 72 -7.11 19.59 23.01
N VAL B 73 -6.56 19.60 21.82
CA VAL B 73 -5.15 19.28 21.58
C VAL B 73 -4.29 20.57 21.44
N VAL B 74 -3.08 20.55 21.96
CA VAL B 74 -2.20 21.71 21.82
C VAL B 74 -1.15 21.45 20.74
N ILE B 75 -1.12 22.30 19.73
CA ILE B 75 -0.13 22.20 18.68
C ILE B 75 0.93 23.29 18.71
N GLN B 76 2.18 22.90 18.61
CA GLN B 76 3.29 23.82 18.70
C GLN B 76 4.15 23.58 17.51
N SER B 77 4.16 24.54 16.60
CA SER B 77 4.96 24.47 15.39
C SER B 77 6.45 24.39 15.74
N LEU B 78 7.15 23.42 15.14
CA LEU B 78 8.57 23.25 15.44
C LEU B 78 9.30 24.56 15.08
N ASP B 79 9.24 24.90 13.82
CA ASP B 79 9.74 26.17 13.35
C ASP B 79 8.58 26.77 12.58
N VAL B 80 8.72 28.06 12.27
CA VAL B 80 7.74 28.76 11.45
C VAL B 80 7.91 28.29 10.00
N GLY B 81 6.94 28.65 9.16
CA GLY B 81 6.88 28.16 7.80
C GLY B 81 5.55 27.39 7.69
N ALA B 82 5.27 26.79 6.53
CA ALA B 82 4.05 26.00 6.40
C ALA B 82 4.12 24.74 7.25
N GLN B 83 5.13 24.67 8.11
CA GLN B 83 5.32 23.63 9.13
C GLN B 83 4.95 22.22 8.61
N ASP B 84 5.94 21.34 8.50
CA ASP B 84 5.68 19.99 7.97
C ASP B 84 5.38 18.97 9.08
N VAL B 85 6.04 19.13 10.23
CA VAL B 85 5.88 18.30 11.42
C VAL B 85 5.69 19.22 12.61
N VAL B 86 4.82 18.83 13.51
CA VAL B 86 4.58 19.65 14.66
C VAL B 86 4.55 18.75 15.88
N LEU B 87 4.50 19.39 17.04
CA LEU B 87 4.42 18.70 18.30
C LEU B 87 3.02 18.89 18.76
N MET B 88 2.39 17.82 19.19
CA MET B 88 1.00 17.88 19.51
C MET B 88 0.88 17.22 20.85
N LYS B 89 0.17 17.86 21.78
CA LYS B 89 0.06 17.37 23.15
C LYS B 89 -1.28 16.67 23.34
N VAL B 90 -1.23 15.42 23.81
CA VAL B 90 -2.44 14.61 23.91
C VAL B 90 -2.60 13.96 25.28
N PRO B 91 -3.16 14.77 26.18
CA PRO B 91 -3.24 14.39 27.55
C PRO B 91 -3.95 13.08 27.77
N THR B 92 -4.80 12.64 26.84
CA THR B 92 -5.45 11.34 27.04
C THR B 92 -4.48 10.15 26.93
N ILE B 93 -3.29 10.43 26.42
CA ILE B 93 -2.32 9.40 26.12
C ILE B 93 -1.40 8.98 27.25
N PRO B 94 -1.30 7.69 27.42
CA PRO B 94 -0.36 7.12 28.38
C PRO B 94 1.04 7.68 28.07
N LYS B 95 1.75 8.14 29.10
CA LYS B 95 3.05 8.75 28.92
C LYS B 95 4.07 7.98 28.09
N PHE B 96 4.87 8.72 27.34
CA PHE B 96 5.95 8.17 26.53
C PHE B 96 7.25 8.29 27.29
N ARG B 97 8.16 7.35 27.04
CA ARG B 97 9.49 7.43 27.58
C ARG B 97 10.08 8.61 26.82
N ASP B 98 11.00 9.33 27.47
CA ASP B 98 11.65 10.50 26.88
C ASP B 98 12.71 10.06 25.93
N ILE B 99 12.55 10.36 24.64
CA ILE B 99 13.62 10.08 23.67
C ILE B 99 14.15 11.31 22.97
N THR B 100 13.83 12.48 23.52
CA THR B 100 14.30 13.74 22.93
C THR B 100 15.80 13.80 22.74
N GLN B 101 16.53 13.12 23.62
CA GLN B 101 17.97 13.18 23.62
C GLN B 101 18.62 12.19 22.68
N HIS B 102 17.79 11.53 21.89
CA HIS B 102 18.28 10.53 20.95
C HIS B 102 18.19 11.11 19.58
N PHE B 103 17.53 12.28 19.46
CA PHE B 103 17.50 12.97 18.20
C PHE B 103 18.85 13.59 18.04
N ILE B 104 19.17 13.96 16.81
CA ILE B 104 20.49 14.50 16.47
C ILE B 104 20.60 16.01 16.79
N LYS B 105 21.77 16.44 17.26
CA LYS B 105 22.02 17.86 17.54
C LYS B 105 22.26 18.56 16.24
N LYS B 106 21.82 19.81 16.11
CA LYS B 106 21.97 20.53 14.85
C LYS B 106 23.41 20.73 14.38
N GLY B 107 24.37 20.42 15.26
CA GLY B 107 25.81 20.55 14.98
C GLY B 107 26.44 19.25 14.49
N ASP B 108 25.80 18.13 14.81
CA ASP B 108 26.22 16.83 14.33
C ASP B 108 25.54 16.44 12.99
N VAL B 109 24.76 17.33 12.40
CA VAL B 109 23.97 16.97 11.22
C VAL B 109 24.72 16.51 9.99
N PRO B 110 25.94 17.00 9.85
CA PRO B 110 26.66 16.62 8.65
C PRO B 110 27.32 15.26 8.82
N ARG B 111 27.27 14.71 10.04
CA ARG B 111 27.90 13.42 10.34
C ARG B 111 27.08 12.20 9.93
N ALA B 112 25.81 12.46 9.59
CA ALA B 112 24.85 11.42 9.23
C ALA B 112 24.71 11.35 7.72
N LEU B 113 25.35 12.28 7.03
CA LEU B 113 25.31 12.29 5.58
C LEU B 113 26.26 11.26 4.99
N ASN B 114 25.93 10.80 3.79
CA ASN B 114 26.73 9.79 3.11
C ASN B 114 26.79 8.49 3.91
N ARG B 115 25.81 8.28 4.78
CA ARG B 115 25.74 7.07 5.59
C ARG B 115 24.36 6.56 5.43
N LEU B 116 24.22 5.27 5.66
CA LEU B 116 22.97 4.56 5.50
C LEU B 116 22.15 4.84 6.74
N ALA B 117 20.82 4.73 6.58
CA ALA B 117 19.87 4.96 7.66
C ALA B 117 18.75 3.99 7.47
N THR B 118 17.95 3.83 8.52
CA THR B 118 16.78 2.97 8.48
C THR B 118 15.56 3.75 8.91
N LEU B 119 14.50 3.64 8.12
CA LEU B 119 13.25 4.24 8.48
C LEU B 119 12.48 3.27 9.36
N VAL B 120 12.20 3.70 10.58
CA VAL B 120 11.50 2.86 11.51
C VAL B 120 10.02 3.27 11.52
N THR B 121 9.14 2.50 10.85
CA THR B 121 7.73 2.91 10.77
C THR B 121 6.77 1.77 10.94
N THR B 122 5.58 1.99 10.36
CA THR B 122 4.56 0.96 10.15
C THR B 122 3.75 1.34 8.96
N VAL B 123 3.09 0.34 8.39
CA VAL B 123 2.03 0.58 7.42
C VAL B 123 0.75 0.23 8.15
N ASN B 124 0.09 1.25 8.67
CA ASN B 124 -1.11 1.05 9.44
C ASN B 124 -1.02 0.06 10.56
N GLY B 125 0.03 0.23 11.35
CA GLY B 125 0.22 -0.53 12.56
C GLY B 125 1.16 -1.68 12.35
N THR B 126 1.29 -2.13 11.10
CA THR B 126 2.18 -3.23 10.80
C THR B 126 3.57 -2.75 10.71
N PRO B 127 4.36 -3.16 11.68
CA PRO B 127 5.70 -2.67 11.81
C PRO B 127 6.61 -3.02 10.65
N MET B 128 7.37 -2.05 10.19
CA MET B 128 8.30 -2.25 9.11
C MET B 128 9.56 -1.39 9.24
N LEU B 129 10.72 -1.96 8.94
CA LEU B 129 11.92 -1.17 8.90
C LEU B 129 12.11 -1.03 7.40
N ILE B 130 12.57 0.13 6.96
CA ILE B 130 12.86 0.39 5.56
C ILE B 130 14.31 0.90 5.45
N SER B 131 15.11 0.32 4.54
CA SER B 131 16.49 0.79 4.36
C SER B 131 16.51 1.99 3.46
N GLU B 132 17.47 2.88 3.69
CA GLU B 132 17.58 4.08 2.85
C GLU B 132 19.05 4.36 2.66
N GLY B 133 19.36 5.60 2.33
CA GLY B 133 20.74 6.10 2.35
C GLY B 133 21.70 5.28 1.51
N PRO B 134 22.94 5.74 1.34
CA PRO B 134 23.52 6.99 1.91
C PRO B 134 22.71 8.27 1.83
N LEU B 135 22.65 8.97 2.94
CA LEU B 135 21.72 10.08 3.04
C LEU B 135 22.17 11.42 2.54
N LYS B 136 21.17 12.18 2.04
CA LYS B 136 21.36 13.57 1.64
C LYS B 136 20.47 14.45 2.52
N MET B 137 20.90 15.70 2.73
CA MET B 137 20.18 16.72 3.51
C MET B 137 20.02 17.90 2.57
N GLU B 138 18.80 18.12 2.14
CA GLU B 138 18.60 19.18 1.19
C GLU B 138 17.76 20.32 1.70
N GLU B 139 18.05 21.51 1.19
CA GLU B 139 17.37 22.71 1.63
C GLU B 139 16.00 22.65 1.01
N LYS B 140 15.96 21.94 -0.12
CA LYS B 140 14.73 21.67 -0.84
C LYS B 140 14.85 20.22 -1.41
N ALA B 141 14.34 19.23 -0.66
CA ALA B 141 14.43 17.83 -1.09
C ALA B 141 13.33 17.58 -2.10
N THR B 142 13.76 17.27 -3.34
CA THR B 142 12.82 17.05 -4.44
C THR B 142 12.29 15.63 -4.48
N TYR B 143 11.02 15.49 -4.81
CA TYR B 143 10.45 14.17 -4.98
C TYR B 143 9.23 14.21 -5.94
N VAL B 144 9.02 13.10 -6.63
CA VAL B 144 7.95 12.93 -7.60
C VAL B 144 6.60 12.71 -6.94
N HIS B 145 5.59 13.42 -7.42
CA HIS B 145 4.26 13.12 -6.95
C HIS B 145 3.37 12.34 -7.91
N LYS B 146 2.10 12.15 -7.54
CA LYS B 146 1.23 11.18 -8.18
C LYS B 146 0.04 11.55 -9.07
N LYS B 147 -0.23 12.82 -9.35
CA LYS B 147 -1.46 13.03 -10.12
C LYS B 147 -1.57 14.21 -11.07
N ASN B 148 -1.46 15.43 -10.54
CA ASN B 148 -1.88 16.62 -11.26
C ASN B 148 -1.34 17.17 -12.57
N ASP B 149 -0.08 16.92 -12.93
CA ASP B 149 0.42 17.45 -14.19
C ASP B 149 -0.47 16.86 -15.27
N GLY B 150 -0.18 15.60 -15.53
CA GLY B 150 -1.00 14.76 -16.38
C GLY B 150 -0.76 13.53 -15.58
N THR B 151 0.46 13.05 -15.75
CA THR B 151 0.97 11.93 -15.02
C THR B 151 1.29 12.39 -13.61
N THR B 152 2.16 13.39 -13.49
CA THR B 152 2.83 13.68 -12.23
C THR B 152 3.51 15.06 -12.11
N VAL B 153 3.76 15.49 -10.87
CA VAL B 153 4.45 16.76 -10.57
C VAL B 153 5.72 16.52 -9.79
N ASP B 154 6.63 17.52 -9.84
CA ASP B 154 7.80 17.52 -8.96
C ASP B 154 7.70 18.49 -7.76
N LEU B 155 7.67 17.90 -6.55
CA LEU B 155 7.63 18.63 -5.28
C LEU B 155 8.90 18.53 -4.48
N THR B 156 8.92 19.30 -3.40
CA THR B 156 10.08 19.43 -2.53
C THR B 156 9.65 19.58 -1.07
N VAL B 157 10.56 19.27 -0.16
CA VAL B 157 10.32 19.48 1.27
C VAL B 157 11.54 20.25 1.71
N ASP B 158 11.37 21.33 2.47
CA ASP B 158 12.51 22.12 2.90
C ASP B 158 13.23 21.43 4.01
N GLN B 159 14.56 21.57 4.00
CA GLN B 159 15.44 21.04 5.03
C GLN B 159 15.02 19.64 5.40
N ALA B 160 15.25 18.71 4.49
CA ALA B 160 14.81 17.34 4.70
C ALA B 160 15.90 16.35 4.28
N TRP B 161 15.94 15.18 4.92
CA TRP B 161 16.85 14.14 4.48
C TRP B 161 16.23 13.49 3.26
N ARG B 162 17.07 12.96 2.39
CA ARG B 162 16.57 12.35 1.15
C ARG B 162 17.32 11.05 1.00
N GLY B 163 16.59 9.94 0.88
CA GLY B 163 17.25 8.63 0.77
C GLY B 163 16.52 7.77 -0.24
N LYS B 164 17.19 6.74 -0.78
CA LYS B 164 16.51 5.92 -1.74
C LYS B 164 16.08 4.65 -1.04
N GLY B 165 14.86 4.25 -1.32
CA GLY B 165 14.33 3.09 -0.67
C GLY B 165 12.98 2.80 -1.24
N GLU B 166 12.52 1.58 -0.99
CA GLU B 166 11.24 1.09 -1.47
C GLU B 166 10.27 1.22 -0.34
N GLY B 167 9.33 2.15 -0.46
CA GLY B 167 8.33 2.31 0.58
C GLY B 167 6.96 1.95 0.05
N LEU B 168 6.03 1.67 0.97
CA LEU B 168 4.62 1.48 0.64
C LEU B 168 3.89 2.56 1.42
N PRO B 169 2.57 2.65 1.26
CA PRO B 169 1.87 3.76 1.87
C PRO B 169 1.66 3.65 3.37
N GLY B 170 1.36 4.80 3.99
CA GLY B 170 1.16 4.87 5.42
C GLY B 170 2.46 4.97 6.20
N MET B 171 3.59 5.20 5.55
CA MET B 171 4.86 5.26 6.30
C MET B 171 5.11 6.63 6.95
N CYS B 172 4.36 7.64 6.55
CA CYS B 172 4.58 8.99 7.07
C CYS B 172 4.49 9.01 8.57
N GLY B 173 5.42 9.69 9.24
CA GLY B 173 5.35 9.81 10.70
C GLY B 173 6.32 8.91 11.41
N GLY B 174 7.04 8.09 10.67
CA GLY B 174 8.03 7.20 11.27
C GLY B 174 9.32 7.94 11.46
N ALA B 175 10.21 7.36 12.22
CA ALA B 175 11.48 8.02 12.47
C ALA B 175 12.58 7.48 11.61
N LEU B 176 13.41 8.39 11.12
CA LEU B 176 14.60 8.04 10.35
C LEU B 176 15.78 7.84 11.33
N VAL B 177 16.40 6.65 11.35
CA VAL B 177 17.50 6.41 12.29
C VAL B 177 18.85 6.23 11.62
N SER B 178 19.84 7.05 12.00
CA SER B 178 21.17 6.96 11.37
C SER B 178 21.97 5.70 11.62
N SER B 179 22.82 5.30 10.67
CA SER B 179 23.61 4.10 10.90
C SER B 179 24.87 4.43 11.68
N ASN B 180 25.19 5.71 11.73
CA ASN B 180 26.37 6.22 12.40
C ASN B 180 26.40 6.04 13.93
N GLN B 181 27.12 5.03 14.40
CA GLN B 181 27.18 4.71 15.82
C GLN B 181 27.93 5.80 16.60
N SER B 182 28.82 6.50 15.92
CA SER B 182 29.64 7.50 16.57
C SER B 182 28.80 8.71 16.91
N ILE B 183 27.60 8.76 16.35
CA ILE B 183 26.63 9.73 16.76
C ILE B 183 25.45 9.00 17.40
N GLN B 184 25.78 7.83 17.95
CA GLN B 184 24.86 7.03 18.72
C GLN B 184 23.58 6.61 17.99
N ASN B 185 23.65 6.51 16.68
CA ASN B 185 22.53 6.02 15.87
C ASN B 185 21.32 6.91 16.03
N ALA B 186 21.59 8.19 15.93
CA ALA B 186 20.63 9.22 16.20
C ALA B 186 19.45 9.18 15.29
N ILE B 187 18.30 9.56 15.85
CA ILE B 187 17.11 9.83 15.09
C ILE B 187 17.36 11.16 14.40
N LEU B 188 17.09 11.17 13.10
CA LEU B 188 17.38 12.28 12.21
C LEU B 188 16.18 13.12 11.85
N GLY B 189 14.99 12.54 11.93
CA GLY B 189 13.80 13.26 11.51
C GLY B 189 12.67 12.28 11.33
N ILE B 190 11.63 12.77 10.67
CA ILE B 190 10.39 12.05 10.52
C ILE B 190 10.04 11.97 9.07
N HIS B 191 9.59 10.80 8.63
CA HIS B 191 9.15 10.57 7.25
C HIS B 191 7.88 11.29 6.86
N VAL B 192 7.96 12.12 5.81
CA VAL B 192 6.83 12.97 5.41
C VAL B 192 6.39 12.80 3.99
N ALA B 193 7.27 12.37 3.11
CA ALA B 193 6.93 12.33 1.69
C ALA B 193 7.80 11.36 0.92
N GLY B 194 7.38 11.04 -0.29
CA GLY B 194 8.21 10.17 -1.14
C GLY B 194 7.56 9.83 -2.48
N GLY B 195 8.30 9.11 -3.32
CA GLY B 195 7.82 8.69 -4.63
C GLY B 195 9.04 8.33 -5.47
N ASN B 196 8.88 7.33 -6.35
CA ASN B 196 10.00 6.86 -7.19
C ASN B 196 11.21 6.44 -6.35
N SER B 197 11.02 5.56 -5.38
CA SER B 197 12.13 5.11 -4.56
C SER B 197 12.91 6.24 -3.83
N ILE B 198 12.33 7.45 -3.74
CA ILE B 198 13.02 8.51 -3.01
C ILE B 198 12.24 8.73 -1.77
N LEU B 199 12.92 8.74 -0.64
CA LEU B 199 12.22 8.88 0.64
C LEU B 199 12.66 10.14 1.29
N VAL B 200 11.66 10.88 1.77
CA VAL B 200 11.89 12.19 2.35
C VAL B 200 11.47 12.38 3.80
N ALA B 201 12.43 12.71 4.65
CA ALA B 201 12.14 12.89 6.05
C ALA B 201 12.52 14.29 6.50
N LYS B 202 11.56 15.01 7.11
CA LYS B 202 11.84 16.35 7.69
C LYS B 202 12.92 16.28 8.77
N LEU B 203 13.94 17.13 8.68
CA LEU B 203 14.99 17.06 9.71
C LEU B 203 14.40 17.52 11.04
N VAL B 204 14.67 16.80 12.13
CA VAL B 204 14.15 17.15 13.44
C VAL B 204 15.33 17.07 14.36
N THR B 205 15.78 18.22 14.86
CA THR B 205 16.91 18.23 15.76
C THR B 205 16.45 18.30 17.22
N GLN B 206 17.37 17.99 18.12
CA GLN B 206 17.15 18.06 19.57
C GLN B 206 16.82 19.50 19.95
N GLU B 207 17.23 20.43 19.11
CA GLU B 207 17.05 21.86 19.34
C GLU B 207 15.61 22.33 19.04
N MET B 208 14.83 21.43 18.45
CA MET B 208 13.45 21.71 18.06
C MET B 208 12.53 21.46 19.23
N PHE B 209 13.03 20.82 20.27
CA PHE B 209 12.18 20.52 21.42
C PHE B 209 12.22 21.71 22.41
N GLN B 210 12.70 22.86 21.92
CA GLN B 210 12.89 24.06 22.72
C GLN B 210 11.75 24.49 23.65
N ASN B 211 10.49 24.41 23.20
CA ASN B 211 9.34 24.90 23.99
C ASN B 211 8.51 23.85 24.64
N ILE B 212 8.95 22.62 24.54
CA ILE B 212 8.17 21.45 25.02
C ILE B 212 7.79 21.51 26.50
N ASP B 213 8.75 21.84 27.36
CA ASP B 213 8.48 21.81 28.78
C ASP B 213 8.03 23.13 29.39
N LYS B 214 7.91 24.16 28.57
CA LYS B 214 7.45 25.42 29.09
C LYS B 214 5.99 25.27 29.53
N LYS B 215 5.63 25.95 30.63
CA LYS B 215 4.25 26.02 31.09
C LYS B 215 3.39 26.80 30.06
N ILE B 216 2.40 26.11 29.51
CA ILE B 216 1.56 26.67 28.48
C ILE B 216 0.73 27.75 29.12
N GLU B 217 0.67 28.91 28.49
CA GLU B 217 -0.27 29.92 28.96
C GLU B 217 -1.57 29.65 28.20
N SER C 1 -5.79 -22.58 4.14
CA SER C 1 -4.68 -23.19 3.42
C SER C 1 -4.63 -22.56 2.07
N THR C 2 -3.57 -22.82 1.33
CA THR C 2 -3.47 -22.29 0.02
C THR C 2 -4.46 -22.87 -0.96
N LEU C 3 -4.80 -24.16 -0.82
CA LEU C 3 -5.58 -24.82 -1.87
C LEU C 3 -7.03 -24.37 -1.85
N GLU C 4 -7.48 -24.08 -0.65
CA GLU C 4 -8.83 -23.63 -0.45
C GLU C 4 -9.04 -22.34 -1.21
N ILE C 5 -8.07 -21.44 -1.19
CA ILE C 5 -8.28 -20.15 -1.83
C ILE C 5 -8.00 -20.32 -3.29
N ALA C 6 -7.14 -21.29 -3.63
CA ALA C 6 -6.89 -21.58 -5.04
C ALA C 6 -8.18 -22.05 -5.68
N GLY C 7 -8.97 -22.78 -4.90
CA GLY C 7 -10.29 -23.27 -5.32
C GLY C 7 -11.25 -22.12 -5.63
N LEU C 8 -11.35 -21.14 -4.74
CA LEU C 8 -12.19 -19.96 -5.00
C LEU C 8 -11.72 -19.18 -6.23
N VAL C 9 -10.41 -19.05 -6.37
CA VAL C 9 -9.84 -18.40 -7.53
C VAL C 9 -10.26 -19.14 -8.80
N ARG C 10 -9.95 -20.44 -8.82
CA ARG C 10 -10.22 -21.34 -9.97
C ARG C 10 -11.66 -21.22 -10.46
N LYS C 11 -12.61 -21.30 -9.53
CA LYS C 11 -14.00 -21.23 -9.88
C LYS C 11 -14.35 -19.86 -10.41
N ASN C 12 -13.48 -18.89 -10.15
CA ASN C 12 -13.73 -17.54 -10.66
C ASN C 12 -12.92 -17.12 -11.88
N LEU C 13 -11.96 -17.97 -12.25
CA LEU C 13 -11.07 -17.74 -13.39
C LEU C 13 -11.75 -18.08 -14.75
N VAL C 14 -11.55 -17.23 -15.76
CA VAL C 14 -12.17 -17.42 -17.06
C VAL C 14 -11.11 -17.05 -18.05
N GLN C 15 -11.28 -17.38 -19.32
CA GLN C 15 -10.27 -17.04 -20.32
C GLN C 15 -10.69 -15.81 -21.03
N PHE C 16 -9.74 -14.99 -21.46
CA PHE C 16 -10.09 -13.74 -22.08
C PHE C 16 -9.69 -13.80 -23.53
N GLY C 17 -10.56 -13.35 -24.41
CA GLY C 17 -10.18 -13.38 -25.80
C GLY C 17 -10.83 -12.25 -26.52
N VAL C 18 -10.33 -11.98 -27.71
CA VAL C 18 -10.86 -10.91 -28.55
C VAL C 18 -11.08 -11.47 -29.93
N GLY C 19 -11.99 -10.86 -30.67
CA GLY C 19 -12.23 -11.22 -32.06
C GLY C 19 -13.24 -10.21 -32.54
N GLU C 20 -14.10 -10.63 -33.46
CA GLU C 20 -15.28 -9.85 -33.82
C GLU C 20 -16.42 -10.76 -33.42
N LYS C 21 -17.62 -10.29 -33.68
CA LYS C 21 -18.79 -11.08 -33.45
C LYS C 21 -18.83 -12.39 -34.30
N ASN C 22 -18.30 -12.35 -35.53
CA ASN C 22 -18.12 -13.57 -36.34
C ASN C 22 -16.63 -13.78 -36.59
N GLY C 23 -16.10 -14.93 -36.25
CA GLY C 23 -14.71 -15.13 -36.58
C GLY C 23 -14.07 -15.76 -35.39
N SER C 24 -12.93 -16.38 -35.61
CA SER C 24 -12.19 -17.05 -34.58
C SER C 24 -12.11 -16.17 -33.32
N VAL C 25 -12.19 -16.78 -32.14
CA VAL C 25 -11.91 -16.00 -30.94
C VAL C 25 -10.47 -16.28 -30.63
N ARG C 26 -9.73 -15.21 -30.42
CA ARG C 26 -8.30 -15.29 -30.11
C ARG C 26 -8.18 -15.24 -28.61
N TRP C 27 -7.96 -16.38 -27.99
CA TRP C 27 -7.82 -16.43 -26.54
C TRP C 27 -6.46 -15.89 -26.13
N VAL C 28 -6.44 -14.81 -25.37
CA VAL C 28 -5.16 -14.17 -25.01
C VAL C 28 -4.55 -14.59 -23.67
N MET C 29 -5.31 -14.43 -22.59
CA MET C 29 -4.84 -14.77 -21.24
C MET C 29 -6.07 -15.06 -20.39
N ASN C 30 -5.92 -15.08 -19.06
CA ASN C 30 -7.07 -15.30 -18.21
C ASN C 30 -7.62 -13.96 -17.70
N ALA C 31 -8.66 -14.06 -16.88
CA ALA C 31 -9.22 -12.94 -16.16
C ALA C 31 -9.85 -13.47 -14.88
N LEU C 32 -9.89 -12.63 -13.85
CA LEU C 32 -10.44 -13.10 -12.61
C LEU C 32 -11.74 -12.41 -12.23
N GLY C 33 -12.79 -13.20 -12.01
CA GLY C 33 -14.07 -12.66 -11.57
C GLY C 33 -13.94 -12.40 -10.06
N VAL C 34 -14.33 -11.20 -9.61
CA VAL C 34 -14.16 -10.75 -8.23
C VAL C 34 -15.45 -10.68 -7.47
N LYS C 35 -16.54 -10.42 -8.21
CA LYS C 35 -17.92 -10.47 -7.70
C LYS C 35 -18.87 -9.97 -8.77
N ASP C 36 -20.16 -10.30 -8.64
CA ASP C 36 -21.18 -9.84 -9.59
C ASP C 36 -20.68 -10.20 -11.01
N ASP C 37 -20.63 -9.19 -11.90
CA ASP C 37 -20.11 -9.37 -13.26
C ASP C 37 -18.92 -8.48 -13.47
N TRP C 38 -18.09 -8.37 -12.43
CA TRP C 38 -16.88 -7.55 -12.50
C TRP C 38 -15.67 -8.47 -12.54
N LEU C 39 -14.68 -8.09 -13.33
CA LEU C 39 -13.50 -8.91 -13.55
C LEU C 39 -12.20 -8.13 -13.40
N LEU C 40 -11.19 -8.80 -12.91
CA LEU C 40 -9.89 -8.21 -12.93
C LEU C 40 -9.26 -8.64 -14.24
N VAL C 41 -8.90 -7.68 -15.09
CA VAL C 41 -8.28 -8.01 -16.37
C VAL C 41 -7.05 -7.18 -16.61
N PRO C 42 -5.99 -7.83 -17.06
CA PRO C 42 -4.81 -7.09 -17.45
C PRO C 42 -5.07 -6.46 -18.82
N SER C 43 -4.91 -5.15 -18.91
CA SER C 43 -5.29 -4.45 -20.11
C SER C 43 -4.36 -4.66 -21.28
N HIS C 44 -3.21 -5.28 -21.04
CA HIS C 44 -2.30 -5.64 -22.13
C HIS C 44 -2.77 -6.87 -22.89
N ALA C 45 -3.85 -7.44 -22.37
CA ALA C 45 -4.57 -8.52 -23.00
C ALA C 45 -5.29 -7.96 -24.24
N TYR C 46 -5.59 -6.65 -24.27
CA TYR C 46 -6.25 -6.09 -25.45
C TYR C 46 -5.67 -4.82 -26.08
N LYS C 47 -4.88 -4.07 -25.32
CA LYS C 47 -4.32 -2.78 -25.76
C LYS C 47 -3.48 -2.79 -27.05
N PHE C 48 -2.78 -3.89 -27.34
CA PHE C 48 -1.96 -4.01 -28.58
C PHE C 48 -2.66 -4.53 -29.84
N GLU C 49 -3.98 -4.70 -29.75
CA GLU C 49 -4.80 -5.01 -30.90
C GLU C 49 -5.20 -3.66 -31.52
N LYS C 50 -4.98 -3.57 -32.83
CA LYS C 50 -5.24 -2.36 -33.61
C LYS C 50 -6.75 -2.17 -33.55
N ASP C 51 -7.21 -0.93 -33.46
CA ASP C 51 -8.65 -0.67 -33.47
C ASP C 51 -9.32 -1.47 -32.35
N TYR C 52 -8.57 -1.75 -31.29
CA TYR C 52 -9.08 -2.66 -30.28
C TYR C 52 -10.39 -2.20 -29.68
N GLU C 53 -10.61 -0.89 -29.68
CA GLU C 53 -11.84 -0.32 -29.11
C GLU C 53 -13.02 -0.74 -29.96
N MET C 54 -12.73 -1.14 -31.19
CA MET C 54 -13.75 -1.56 -32.15
C MET C 54 -14.07 -3.06 -32.13
N MET C 55 -13.44 -3.81 -31.21
CA MET C 55 -13.61 -5.27 -31.14
C MET C 55 -14.70 -5.82 -30.24
N GLU C 56 -14.73 -7.14 -30.13
CA GLU C 56 -15.59 -7.84 -29.21
C GLU C 56 -14.65 -8.54 -28.27
N PHE C 57 -15.03 -8.64 -27.00
CA PHE C 57 -14.17 -9.30 -26.04
C PHE C 57 -14.97 -10.54 -25.67
N TYR C 58 -14.29 -11.62 -25.31
CA TYR C 58 -14.99 -12.85 -24.93
C TYR C 58 -14.49 -13.35 -23.61
N PHE C 59 -15.40 -13.95 -22.87
CA PHE C 59 -15.11 -14.58 -21.61
C PHE C 59 -15.67 -16.00 -21.67
N ASN C 60 -14.76 -16.96 -21.52
CA ASN C 60 -15.13 -18.35 -21.50
C ASN C 60 -15.48 -18.69 -20.09
N ARG C 61 -16.77 -18.88 -19.91
CA ARG C 61 -17.31 -19.25 -18.63
C ARG C 61 -18.02 -20.60 -18.76
N GLY C 62 -17.34 -21.67 -18.35
CA GLY C 62 -17.88 -23.03 -18.44
C GLY C 62 -18.13 -23.60 -19.87
N GLY C 63 -17.25 -23.28 -20.83
CA GLY C 63 -17.40 -23.77 -22.19
C GLY C 63 -18.24 -22.85 -23.07
N THR C 64 -18.92 -21.89 -22.42
CA THR C 64 -19.72 -20.93 -23.15
C THR C 64 -18.99 -19.59 -23.23
N TYR C 65 -18.94 -19.01 -24.42
CA TYR C 65 -18.18 -17.81 -24.73
C TYR C 65 -19.08 -16.57 -24.79
N TYR C 66 -19.13 -15.89 -23.64
CA TYR C 66 -19.94 -14.69 -23.44
C TYR C 66 -19.21 -13.51 -24.06
N SER C 67 -19.89 -12.76 -24.91
CA SER C 67 -19.29 -11.65 -25.64
C SER C 67 -19.90 -10.27 -25.25
N ILE C 68 -19.11 -9.22 -25.47
CA ILE C 68 -19.55 -7.84 -25.23
C ILE C 68 -18.64 -6.94 -26.05
N SER C 69 -19.21 -6.00 -26.80
CA SER C 69 -18.37 -5.15 -27.61
C SER C 69 -17.51 -4.25 -26.71
N ALA C 70 -16.32 -3.87 -27.13
CA ALA C 70 -15.40 -3.11 -26.27
C ALA C 70 -16.00 -1.80 -25.76
N GLY C 71 -16.77 -1.15 -26.63
CA GLY C 71 -17.38 0.15 -26.35
C GLY C 71 -18.50 0.09 -25.33
N ASN C 72 -18.86 -1.15 -24.99
CA ASN C 72 -19.96 -1.45 -24.06
C ASN C 72 -19.50 -1.91 -22.67
N VAL C 73 -18.20 -2.10 -22.48
CA VAL C 73 -17.71 -2.47 -21.15
C VAL C 73 -17.42 -1.24 -20.33
N VAL C 74 -17.39 -1.43 -19.03
CA VAL C 74 -17.02 -0.37 -18.10
C VAL C 74 -15.66 -0.73 -17.52
N ILE C 75 -14.65 -0.01 -17.98
CA ILE C 75 -13.29 -0.20 -17.55
C ILE C 75 -13.08 0.74 -16.38
N GLN C 76 -12.53 0.20 -15.28
CA GLN C 76 -12.28 0.97 -14.05
C GLN C 76 -10.86 0.75 -13.56
N SER C 77 -10.10 1.85 -13.53
CA SER C 77 -8.71 1.90 -13.08
C SER C 77 -8.64 1.47 -11.61
N LEU C 78 -7.58 0.76 -11.23
CA LEU C 78 -7.48 0.20 -9.89
C LEU C 78 -7.23 1.20 -8.76
N ASP C 79 -6.30 2.12 -8.99
CA ASP C 79 -5.97 3.10 -7.99
C ASP C 79 -5.83 4.47 -8.63
N VAL C 80 -4.57 4.90 -8.84
CA VAL C 80 -4.29 6.23 -9.38
C VAL C 80 -4.94 6.44 -10.71
N GLY C 81 -4.27 5.90 -11.73
CA GLY C 81 -4.76 6.05 -13.10
C GLY C 81 -3.86 5.32 -14.08
N ALA C 82 -2.60 5.13 -13.70
CA ALA C 82 -1.67 4.39 -14.53
C ALA C 82 -2.06 2.92 -14.43
N GLN C 83 -2.85 2.42 -15.41
CA GLN C 83 -3.31 1.04 -15.38
C GLN C 83 -2.62 0.01 -16.29
N ASP C 84 -2.47 -1.16 -15.71
CA ASP C 84 -1.78 -2.29 -16.27
C ASP C 84 -2.84 -3.41 -16.23
N VAL C 85 -3.65 -3.33 -15.18
CA VAL C 85 -4.71 -4.26 -14.86
C VAL C 85 -5.87 -3.39 -14.55
N VAL C 86 -7.04 -3.75 -15.03
CA VAL C 86 -8.16 -2.92 -14.73
C VAL C 86 -9.25 -3.77 -14.24
N LEU C 87 -10.30 -3.11 -13.78
CA LEU C 87 -11.54 -3.79 -13.41
C LEU C 87 -12.41 -3.55 -14.65
N MET C 88 -13.18 -4.56 -15.04
CA MET C 88 -14.04 -4.49 -16.23
C MET C 88 -15.37 -5.05 -15.87
N LYS C 89 -16.43 -4.32 -16.21
CA LYS C 89 -17.78 -4.78 -15.93
C LYS C 89 -18.38 -5.33 -17.23
N VAL C 90 -18.93 -6.53 -17.16
CA VAL C 90 -19.46 -7.23 -18.34
C VAL C 90 -20.73 -7.95 -17.94
N PRO C 91 -21.85 -7.30 -18.28
CA PRO C 91 -23.22 -7.69 -17.90
C PRO C 91 -23.61 -9.00 -18.44
N THR C 92 -23.25 -9.14 -19.71
CA THR C 92 -23.48 -10.36 -20.47
C THR C 92 -23.07 -11.59 -19.65
N ILE C 93 -22.13 -11.37 -18.74
CA ILE C 93 -21.51 -12.42 -17.94
C ILE C 93 -22.32 -13.03 -16.80
N PRO C 94 -22.31 -14.37 -16.69
CA PRO C 94 -22.95 -15.09 -15.59
C PRO C 94 -22.23 -14.74 -14.28
N LYS C 95 -23.01 -14.51 -13.22
CA LYS C 95 -22.45 -13.98 -11.98
C LYS C 95 -21.39 -14.75 -11.18
N PHE C 96 -20.36 -14.03 -10.78
CA PHE C 96 -19.33 -14.63 -9.95
C PHE C 96 -19.62 -14.60 -8.44
N ARG C 97 -19.12 -15.58 -7.71
CA ARG C 97 -19.24 -15.54 -6.26
C ARG C 97 -18.33 -14.42 -5.78
N ASP C 98 -18.73 -13.69 -4.74
CA ASP C 98 -17.90 -12.57 -4.29
C ASP C 98 -16.66 -13.09 -3.59
N ILE C 99 -15.48 -12.74 -4.08
CA ILE C 99 -14.26 -13.22 -3.44
C ILE C 99 -13.36 -12.01 -3.08
N THR C 100 -13.99 -10.84 -3.11
CA THR C 100 -13.26 -9.62 -2.87
C THR C 100 -12.69 -9.58 -1.45
N GLN C 101 -13.33 -10.30 -0.54
CA GLN C 101 -12.88 -10.37 0.84
C GLN C 101 -11.66 -11.27 1.12
N HIS C 102 -11.24 -12.02 0.10
CA HIS C 102 -10.06 -12.90 0.21
C HIS C 102 -8.87 -12.21 -0.39
N PHE C 103 -9.08 -10.97 -0.80
CA PHE C 103 -8.01 -10.14 -1.30
C PHE C 103 -7.33 -9.49 -0.11
N ILE C 104 -6.02 -9.28 -0.20
CA ILE C 104 -5.24 -8.72 0.90
C ILE C 104 -5.65 -7.29 1.28
N LYS C 105 -5.62 -7.00 2.58
CA LYS C 105 -5.95 -5.65 3.03
C LYS C 105 -4.65 -4.90 2.91
N LYS C 106 -4.74 -3.69 2.38
CA LYS C 106 -3.56 -2.83 2.21
C LYS C 106 -2.70 -2.82 3.48
N GLY C 107 -3.37 -2.90 4.64
CA GLY C 107 -2.69 -2.95 5.92
C GLY C 107 -1.83 -4.20 6.08
N ASP C 108 -2.19 -5.27 5.37
CA ASP C 108 -1.49 -6.55 5.51
C ASP C 108 -0.40 -6.85 4.54
N VAL C 109 -0.22 -5.99 3.55
CA VAL C 109 0.83 -6.17 2.55
C VAL C 109 2.24 -6.60 3.04
N PRO C 110 2.63 -6.09 4.21
CA PRO C 110 3.95 -6.39 4.70
C PRO C 110 4.05 -7.82 5.17
N ARG C 111 2.94 -8.37 5.64
CA ARG C 111 2.90 -9.80 6.04
C ARG C 111 2.99 -10.82 4.89
N ALA C 112 3.05 -10.37 3.64
CA ALA C 112 3.13 -11.26 2.51
C ALA C 112 4.51 -11.14 1.91
N LEU C 113 5.22 -10.08 2.27
CA LEU C 113 6.61 -9.87 1.79
C LEU C 113 7.60 -10.91 2.34
N ASN C 114 8.61 -11.30 1.56
CA ASN C 114 9.63 -12.26 2.01
C ASN C 114 9.06 -13.62 2.32
N ARG C 115 7.86 -13.82 1.79
CA ARG C 115 7.19 -15.08 1.93
C ARG C 115 6.87 -15.59 0.53
N LEU C 116 6.72 -16.90 0.47
CA LEU C 116 6.48 -17.50 -0.82
C LEU C 116 5.01 -17.30 -1.12
N ALA C 117 4.68 -17.55 -2.37
CA ALA C 117 3.31 -17.43 -2.80
C ALA C 117 3.14 -18.43 -3.91
N THR C 118 1.90 -18.71 -4.25
CA THR C 118 1.59 -19.64 -5.33
C THR C 118 0.76 -18.93 -6.39
N LEU C 119 1.23 -18.90 -7.63
CA LEU C 119 0.43 -18.31 -8.68
C LEU C 119 -0.55 -19.35 -9.24
N VAL C 120 -1.85 -19.00 -9.21
CA VAL C 120 -2.99 -19.83 -9.65
C VAL C 120 -3.61 -19.35 -10.97
N THR C 121 -3.37 -20.15 -12.03
CA THR C 121 -3.93 -19.87 -13.36
C THR C 121 -4.29 -21.16 -14.07
N THR C 122 -4.94 -21.05 -15.22
CA THR C 122 -5.36 -22.21 -15.99
C THR C 122 -5.03 -22.05 -17.46
N VAL C 123 -4.65 -23.15 -18.11
CA VAL C 123 -4.20 -23.10 -19.50
C VAL C 123 -4.93 -24.09 -20.45
N ASN C 124 -6.13 -23.72 -20.89
CA ASN C 124 -6.96 -24.65 -21.68
C ASN C 124 -7.03 -26.06 -21.07
N GLY C 125 -7.95 -26.24 -20.12
CA GLY C 125 -8.03 -27.51 -19.38
C GLY C 125 -6.77 -27.76 -18.53
N THR C 126 -5.94 -26.74 -18.36
CA THR C 126 -4.75 -26.91 -17.56
C THR C 126 -4.56 -26.01 -16.35
N PRO C 127 -5.09 -26.44 -15.22
CA PRO C 127 -4.85 -25.73 -13.97
C PRO C 127 -3.37 -25.73 -13.68
N MET C 128 -2.86 -24.59 -13.20
CA MET C 128 -1.45 -24.43 -12.80
C MET C 128 -1.27 -23.84 -11.38
N LEU C 129 -0.42 -24.43 -10.56
CA LEU C 129 -0.10 -23.88 -9.26
C LEU C 129 1.42 -23.71 -9.17
N ILE C 130 1.86 -22.50 -9.51
CA ILE C 130 3.27 -22.15 -9.53
C ILE C 130 3.77 -21.46 -8.26
N SER C 131 4.81 -22.06 -7.71
CA SER C 131 5.47 -21.59 -6.50
C SER C 131 6.53 -20.53 -6.90
N GLU C 132 6.55 -19.42 -6.16
CA GLU C 132 7.43 -18.27 -6.40
C GLU C 132 7.78 -17.58 -5.07
N GLY C 133 8.74 -16.67 -5.09
CA GLY C 133 9.04 -15.92 -3.86
C GLY C 133 10.40 -16.30 -3.32
N PRO C 134 10.75 -15.83 -2.13
CA PRO C 134 9.83 -15.07 -1.27
C PRO C 134 9.58 -13.73 -1.89
N LEU C 135 8.39 -13.21 -1.65
CA LEU C 135 8.02 -12.00 -2.36
C LEU C 135 8.79 -10.75 -1.95
N LYS C 136 9.02 -9.88 -2.93
CA LYS C 136 9.60 -8.54 -2.76
C LYS C 136 8.55 -7.64 -3.40
N MET C 137 8.61 -6.35 -3.10
CA MET C 137 7.68 -5.40 -3.68
C MET C 137 8.44 -4.27 -4.34
N GLU C 138 7.91 -3.80 -5.48
CA GLU C 138 8.52 -2.74 -6.29
C GLU C 138 7.46 -1.66 -6.50
N GLU C 139 7.76 -0.43 -6.10
CA GLU C 139 6.84 0.69 -6.26
C GLU C 139 6.40 0.76 -7.73
N LYS C 140 7.35 0.55 -8.62
CA LYS C 140 7.03 0.73 -10.01
C LYS C 140 7.96 -0.18 -10.79
N ALA C 141 7.44 -1.32 -11.24
CA ALA C 141 8.31 -2.21 -11.96
C ALA C 141 8.18 -1.97 -13.46
N THR C 142 9.29 -2.21 -14.15
CA THR C 142 9.34 -2.11 -15.59
C THR C 142 9.57 -3.54 -16.00
N TYR C 143 9.04 -3.90 -17.15
CA TYR C 143 9.22 -5.27 -17.54
C TYR C 143 9.06 -5.50 -19.02
N VAL C 144 9.97 -6.34 -19.52
CA VAL C 144 9.93 -6.86 -20.89
C VAL C 144 8.61 -7.61 -20.89
N HIS C 145 7.90 -7.59 -21.99
CA HIS C 145 6.60 -8.15 -21.81
C HIS C 145 6.35 -9.45 -22.49
N LYS C 146 6.26 -9.35 -23.81
CA LYS C 146 5.92 -10.46 -24.67
C LYS C 146 6.48 -11.81 -24.31
N LYS C 147 6.63 -12.56 -25.36
CA LYS C 147 6.76 -13.96 -25.29
C LYS C 147 7.54 -14.18 -26.54
N ASN C 148 6.68 -14.46 -27.50
CA ASN C 148 6.99 -14.85 -28.83
C ASN C 148 7.40 -13.55 -29.48
N ASP C 149 8.68 -13.26 -29.22
CA ASP C 149 9.38 -12.06 -29.67
C ASP C 149 8.78 -11.41 -30.90
N GLY C 150 7.57 -10.87 -30.77
CA GLY C 150 6.94 -10.23 -31.92
C GLY C 150 7.30 -8.78 -31.75
N THR C 151 6.98 -8.28 -30.59
CA THR C 151 7.30 -6.93 -30.29
C THR C 151 7.72 -6.98 -28.83
N THR C 152 8.74 -6.18 -28.51
CA THR C 152 9.27 -6.08 -27.16
C THR C 152 8.54 -4.95 -26.44
N VAL C 153 7.29 -5.13 -26.06
CA VAL C 153 6.73 -3.99 -25.35
C VAL C 153 7.36 -3.80 -23.96
N ASP C 154 7.61 -2.54 -23.60
CA ASP C 154 8.07 -2.23 -22.26
C ASP C 154 6.96 -1.51 -21.49
N LEU C 155 6.37 -2.25 -20.56
CA LEU C 155 5.28 -1.76 -19.74
C LEU C 155 5.80 -1.64 -18.31
N THR C 156 5.08 -0.89 -17.46
CA THR C 156 5.52 -0.68 -16.08
C THR C 156 4.36 -0.83 -15.14
N VAL C 157 4.58 -1.54 -14.04
CA VAL C 157 3.53 -1.76 -13.06
C VAL C 157 3.78 -0.92 -11.82
N ASP C 158 2.73 -0.27 -11.33
CA ASP C 158 2.84 0.48 -10.09
C ASP C 158 2.40 -0.46 -8.97
N GLN C 159 3.28 -0.70 -8.00
CA GLN C 159 2.95 -1.58 -6.89
C GLN C 159 2.82 -3.02 -7.32
N ALA C 160 3.93 -3.58 -7.80
CA ALA C 160 3.90 -4.95 -8.24
C ALA C 160 4.79 -5.82 -7.40
N TRP C 161 4.35 -7.04 -7.22
CA TRP C 161 5.13 -8.03 -6.55
C TRP C 161 6.08 -8.67 -7.53
N ARG C 162 7.16 -9.18 -6.98
CA ARG C 162 8.20 -9.75 -7.79
C ARG C 162 8.59 -11.02 -7.04
N GLY C 163 8.55 -12.17 -7.71
CA GLY C 163 8.85 -13.44 -7.05
C GLY C 163 9.71 -14.22 -8.02
N LYS C 164 10.73 -14.85 -7.46
CA LYS C 164 11.57 -15.74 -8.24
C LYS C 164 10.72 -16.96 -8.62
N GLY C 165 10.77 -17.29 -9.90
CA GLY C 165 10.05 -18.40 -10.45
C GLY C 165 10.22 -18.39 -11.98
N GLU C 166 9.85 -19.52 -12.58
CA GLU C 166 9.90 -19.68 -14.01
C GLU C 166 8.46 -20.03 -14.45
N GLY C 167 7.93 -19.23 -15.37
CA GLY C 167 6.54 -19.39 -15.71
C GLY C 167 6.24 -19.74 -17.14
N LEU C 168 5.26 -20.63 -17.27
CA LEU C 168 4.80 -21.07 -18.55
C LEU C 168 3.87 -19.99 -19.08
N PRO C 169 3.62 -20.01 -20.37
CA PRO C 169 2.79 -18.95 -20.96
C PRO C 169 1.33 -19.15 -20.58
N GLY C 170 0.52 -18.11 -20.76
CA GLY C 170 -0.88 -18.16 -20.33
C GLY C 170 -1.06 -17.83 -18.85
N MET C 171 0.04 -17.75 -18.15
CA MET C 171 -0.05 -17.46 -16.75
C MET C 171 -0.73 -16.09 -16.50
N CYS C 172 -0.75 -15.20 -17.49
CA CYS C 172 -1.24 -13.84 -17.27
C CYS C 172 -2.68 -13.83 -16.90
N GLY C 173 -3.00 -13.01 -15.91
CA GLY C 173 -4.36 -12.88 -15.42
C GLY C 173 -4.61 -13.83 -14.28
N GLY C 174 -3.63 -14.67 -13.98
CA GLY C 174 -3.84 -15.59 -12.87
C GLY C 174 -3.78 -14.77 -11.58
N ALA C 175 -4.12 -15.40 -10.46
CA ALA C 175 -4.00 -14.82 -9.13
C ALA C 175 -2.87 -15.37 -8.20
N LEU C 176 -2.19 -14.43 -7.55
CA LEU C 176 -1.13 -14.73 -6.61
C LEU C 176 -1.66 -14.84 -5.20
N VAL C 177 -1.43 -16.01 -4.61
CA VAL C 177 -2.05 -16.37 -3.36
C VAL C 177 -0.94 -16.58 -2.35
N SER C 178 -1.05 -15.90 -1.21
CA SER C 178 -0.09 -16.04 -0.13
C SER C 178 -0.09 -17.37 0.57
N SER C 179 1.13 -17.81 0.86
CA SER C 179 1.37 -19.04 1.61
C SER C 179 1.31 -18.75 3.09
N ASN C 180 1.09 -17.49 3.42
CA ASN C 180 0.96 -17.03 4.79
C ASN C 180 -0.44 -17.20 5.31
N GLN C 181 -0.59 -18.21 6.16
CA GLN C 181 -1.85 -18.57 6.79
C GLN C 181 -2.45 -17.51 7.70
N SER C 182 -1.61 -16.82 8.47
CA SER C 182 -2.10 -15.80 9.41
C SER C 182 -2.77 -14.64 8.68
N ILE C 183 -2.60 -14.56 7.37
CA ILE C 183 -3.36 -13.60 6.58
C ILE C 183 -4.39 -14.35 5.79
N GLN C 184 -4.58 -15.61 6.13
CA GLN C 184 -5.56 -16.45 5.46
C GLN C 184 -5.28 -16.65 3.97
N ASN C 185 -3.99 -16.81 3.67
CA ASN C 185 -3.47 -17.02 2.33
C ASN C 185 -4.13 -16.10 1.35
N ALA C 186 -4.15 -14.82 1.69
CA ALA C 186 -4.87 -13.83 0.88
C ALA C 186 -4.39 -13.81 -0.51
N ILE C 187 -5.30 -13.47 -1.41
CA ILE C 187 -4.93 -13.25 -2.80
C ILE C 187 -4.25 -11.89 -2.86
N LEU C 188 -3.12 -11.83 -3.54
CA LEU C 188 -2.31 -10.64 -3.49
C LEU C 188 -2.36 -9.77 -4.73
N GLY C 189 -2.79 -10.35 -5.83
CA GLY C 189 -2.79 -9.62 -7.10
C GLY C 189 -2.83 -10.60 -8.26
N ILE C 190 -2.47 -10.09 -9.44
CA ILE C 190 -2.66 -10.74 -10.73
C ILE C 190 -1.33 -10.78 -11.45
N HIS C 191 -1.01 -11.90 -12.10
CA HIS C 191 0.23 -12.01 -12.87
C HIS C 191 0.19 -11.16 -14.14
N VAL C 192 1.25 -10.38 -14.36
CA VAL C 192 1.35 -9.57 -15.57
C VAL C 192 2.63 -9.80 -16.38
N ALA C 193 3.65 -10.40 -15.79
CA ALA C 193 4.88 -10.60 -16.55
C ALA C 193 5.67 -11.71 -15.94
N GLY C 194 6.54 -12.33 -16.74
CA GLY C 194 7.39 -13.41 -16.23
C GLY C 194 8.58 -13.48 -17.15
N GLY C 195 9.70 -14.04 -16.69
CA GLY C 195 10.85 -14.14 -17.57
C GLY C 195 12.11 -13.69 -16.85
N ASN C 196 13.27 -14.20 -17.29
CA ASN C 196 14.51 -13.77 -16.66
C ASN C 196 14.46 -14.14 -15.17
N SER C 197 13.80 -15.24 -14.83
CA SER C 197 13.76 -15.72 -13.44
C SER C 197 12.85 -14.96 -12.48
N ILE C 198 12.11 -13.98 -12.95
CA ILE C 198 11.17 -13.40 -12.03
C ILE C 198 9.77 -13.33 -12.55
N LEU C 199 8.84 -13.49 -11.64
CA LEU C 199 7.43 -13.33 -11.98
C LEU C 199 6.88 -12.10 -11.28
N VAL C 200 6.17 -11.30 -12.06
CA VAL C 200 5.66 -10.07 -11.58
C VAL C 200 4.16 -10.10 -11.53
N ALA C 201 3.61 -9.56 -10.45
CA ALA C 201 2.15 -9.46 -10.30
C ALA C 201 1.68 -8.05 -9.92
N LYS C 202 0.45 -7.69 -10.26
CA LYS C 202 -0.05 -6.42 -9.81
C LYS C 202 -0.62 -6.60 -8.44
N LEU C 203 -0.18 -5.78 -7.47
CA LEU C 203 -0.85 -5.83 -6.18
C LEU C 203 -2.28 -5.31 -6.34
N VAL C 204 -3.22 -6.06 -5.77
CA VAL C 204 -4.64 -5.69 -5.72
C VAL C 204 -5.17 -5.94 -4.32
N THR C 205 -5.51 -4.86 -3.64
CA THR C 205 -5.94 -4.95 -2.26
C THR C 205 -7.44 -4.94 -2.15
N GLN C 206 -7.91 -5.26 -0.97
CA GLN C 206 -9.35 -5.28 -0.70
C GLN C 206 -9.98 -3.92 -0.98
N GLU C 207 -9.17 -2.89 -0.83
CA GLU C 207 -9.63 -1.49 -0.92
C GLU C 207 -9.77 -0.90 -2.33
N MET C 208 -9.15 -1.52 -3.33
CA MET C 208 -9.31 -1.08 -4.72
C MET C 208 -10.72 -1.50 -5.22
N PHE C 209 -11.39 -2.34 -4.44
CA PHE C 209 -12.69 -2.86 -4.82
C PHE C 209 -13.70 -1.80 -4.53
N GLN C 210 -13.40 -0.91 -3.59
CA GLN C 210 -14.36 0.12 -3.19
C GLN C 210 -14.81 0.89 -4.41
N ASN C 211 -14.02 0.80 -5.50
CA ASN C 211 -14.25 1.51 -6.77
C ASN C 211 -15.44 1.10 -7.62
N ILE C 212 -15.83 -0.15 -7.50
CA ILE C 212 -16.96 -0.68 -8.23
C ILE C 212 -17.91 -1.02 -7.10
N ASP C 213 -17.28 -1.21 -5.93
CA ASP C 213 -17.98 -1.47 -4.68
C ASP C 213 -18.25 -0.17 -3.93
N SER D 1 21.32 -53.39 4.07
CA SER D 1 21.65 -51.96 4.00
C SER D 1 20.65 -51.16 3.19
N THR D 2 20.67 -51.36 1.88
CA THR D 2 19.64 -50.83 1.00
C THR D 2 18.33 -51.28 1.59
N LEU D 3 18.31 -52.52 2.10
CA LEU D 3 17.12 -53.07 2.76
C LEU D 3 16.87 -52.39 4.10
N GLU D 4 17.94 -52.03 4.80
CA GLU D 4 17.82 -51.34 6.08
C GLU D 4 17.03 -50.02 5.89
N ILE D 5 17.51 -49.16 4.99
CA ILE D 5 16.86 -47.87 4.69
C ILE D 5 15.49 -48.07 4.01
N ALA D 6 15.33 -49.14 3.23
CA ALA D 6 14.05 -49.43 2.63
C ALA D 6 13.07 -49.76 3.78
N GLY D 7 13.61 -50.39 4.82
CA GLY D 7 12.79 -50.77 5.96
C GLY D 7 12.21 -49.55 6.66
N LEU D 8 13.04 -48.55 6.87
CA LEU D 8 12.63 -47.32 7.52
C LEU D 8 11.65 -46.61 6.62
N VAL D 9 12.01 -46.47 5.36
CA VAL D 9 11.10 -45.81 4.42
C VAL D 9 9.78 -46.52 4.44
N ARG D 10 9.87 -47.84 4.35
CA ARG D 10 8.68 -48.68 4.34
C ARG D 10 7.70 -48.29 5.46
N LYS D 11 8.23 -48.06 6.67
CA LYS D 11 7.43 -47.71 7.85
C LYS D 11 6.72 -46.37 7.81
N ASN D 12 7.18 -45.52 6.90
CA ASN D 12 6.62 -44.19 6.75
C ASN D 12 5.80 -44.05 5.50
N LEU D 13 5.76 -45.08 4.70
CA LEU D 13 5.04 -44.98 3.44
C LEU D 13 3.56 -45.17 3.74
N VAL D 14 2.70 -44.40 3.09
CA VAL D 14 1.24 -44.51 3.22
C VAL D 14 0.65 -44.46 1.79
N GLN D 15 -0.61 -44.82 1.62
CA GLN D 15 -1.28 -44.63 0.34
C GLN D 15 -2.01 -43.29 0.42
N PHE D 16 -2.19 -42.66 -0.72
CA PHE D 16 -2.78 -41.35 -0.74
C PHE D 16 -4.03 -41.43 -1.64
N GLY D 17 -5.18 -41.01 -1.15
CA GLY D 17 -6.38 -41.05 -1.97
C GLY D 17 -7.09 -39.72 -1.94
N VAL D 18 -8.01 -39.53 -2.86
CA VAL D 18 -8.76 -38.30 -2.84
C VAL D 18 -10.22 -38.57 -2.64
N GLY D 19 -10.82 -37.83 -1.73
CA GLY D 19 -12.23 -37.95 -1.42
C GLY D 19 -12.89 -36.69 -1.98
N GLU D 20 -14.20 -36.71 -2.01
CA GLU D 20 -14.86 -35.57 -2.63
C GLU D 20 -16.31 -35.44 -2.18
N LYS D 21 -17.20 -36.03 -2.99
CA LYS D 21 -18.64 -35.97 -2.77
C LYS D 21 -19.29 -37.33 -3.00
N ASN D 22 -19.87 -37.83 -1.92
CA ASN D 22 -20.54 -39.15 -1.76
C ASN D 22 -19.86 -39.86 -0.60
N GLY D 23 -18.64 -39.38 -0.32
CA GLY D 23 -17.84 -39.83 0.82
C GLY D 23 -16.91 -40.96 0.45
N SER D 24 -16.86 -41.28 -0.85
CA SER D 24 -16.02 -42.38 -1.26
C SER D 24 -14.62 -41.85 -1.47
N VAL D 25 -13.66 -42.75 -1.46
CA VAL D 25 -12.29 -42.37 -1.73
C VAL D 25 -11.73 -43.06 -2.96
N ARG D 26 -10.92 -42.36 -3.74
CA ARG D 26 -10.20 -42.97 -4.84
C ARG D 26 -8.74 -43.01 -4.38
N TRP D 27 -8.14 -44.18 -4.31
CA TRP D 27 -6.75 -44.24 -3.92
C TRP D 27 -5.95 -43.93 -5.15
N VAL D 28 -5.01 -42.99 -5.08
CA VAL D 28 -4.31 -42.47 -6.28
C VAL D 28 -2.85 -42.85 -6.40
N MET D 29 -2.10 -42.73 -5.30
CA MET D 29 -0.69 -43.11 -5.28
C MET D 29 -0.20 -43.32 -3.86
N ASN D 30 1.08 -43.04 -3.64
CA ASN D 30 1.68 -43.22 -2.32
C ASN D 30 2.10 -41.86 -1.77
N ALA D 31 2.35 -41.77 -0.47
CA ALA D 31 2.96 -40.57 0.08
C ALA D 31 3.95 -41.06 1.10
N LEU D 32 4.89 -40.22 1.49
CA LEU D 32 5.90 -40.61 2.44
C LEU D 32 5.98 -39.61 3.59
N GLY D 33 5.67 -40.05 4.81
CA GLY D 33 5.96 -39.21 5.96
C GLY D 33 7.47 -39.06 6.12
N VAL D 34 7.90 -37.85 6.43
CA VAL D 34 9.32 -37.55 6.63
C VAL D 34 9.69 -37.14 8.04
N LYS D 35 8.69 -36.60 8.77
CA LYS D 35 8.88 -36.07 10.14
C LYS D 35 7.53 -35.67 10.78
N ASP D 36 7.25 -36.08 12.03
CA ASP D 36 6.03 -35.68 12.72
C ASP D 36 4.78 -35.87 11.88
N ASP D 37 4.15 -34.77 11.48
CA ASP D 37 2.97 -34.86 10.60
C ASP D 37 3.17 -34.33 9.19
N TRP D 38 4.40 -34.37 8.71
CA TRP D 38 4.70 -33.82 7.40
C TRP D 38 4.89 -34.98 6.45
N LEU D 39 4.51 -34.83 5.19
CA LEU D 39 4.69 -35.88 4.20
C LEU D 39 5.11 -35.21 2.92
N LEU D 40 5.73 -35.99 2.04
CA LEU D 40 5.99 -35.58 0.67
C LEU D 40 4.89 -36.27 -0.16
N VAL D 41 4.23 -35.52 -1.05
CA VAL D 41 3.17 -36.06 -1.90
C VAL D 41 3.40 -35.46 -3.28
N PRO D 42 3.33 -36.26 -4.35
CA PRO D 42 3.45 -35.63 -5.68
C PRO D 42 2.19 -34.85 -5.90
N SER D 43 2.32 -33.66 -6.42
CA SER D 43 1.16 -32.81 -6.51
C SER D 43 0.14 -33.33 -7.50
N HIS D 44 0.60 -34.06 -8.53
CA HIS D 44 -0.32 -34.60 -9.52
C HIS D 44 -1.28 -35.62 -8.92
N ALA D 45 -1.10 -35.86 -7.63
CA ALA D 45 -2.04 -36.68 -6.84
C ALA D 45 -3.38 -35.95 -6.75
N TYR D 46 -3.33 -34.62 -6.58
CA TYR D 46 -4.55 -33.81 -6.43
C TYR D 46 -4.77 -32.61 -7.33
N LYS D 47 -3.72 -32.13 -7.96
CA LYS D 47 -3.77 -30.91 -8.72
C LYS D 47 -4.88 -30.87 -9.72
N PHE D 48 -5.20 -32.01 -10.29
CA PHE D 48 -6.18 -32.07 -11.36
C PHE D 48 -7.58 -32.49 -10.97
N GLU D 49 -7.89 -32.31 -9.69
CA GLU D 49 -9.23 -32.58 -9.18
C GLU D 49 -10.15 -31.46 -9.58
N LYS D 50 -11.43 -31.77 -9.63
CA LYS D 50 -12.41 -30.82 -10.09
C LYS D 50 -12.63 -29.62 -9.19
N ASP D 51 -12.49 -29.81 -7.89
CA ASP D 51 -12.90 -28.78 -6.99
C ASP D 51 -12.02 -28.74 -5.75
N TYR D 52 -11.07 -27.81 -5.69
CA TYR D 52 -10.14 -27.77 -4.55
C TYR D 52 -10.79 -27.52 -3.20
N GLU D 53 -11.92 -26.82 -3.17
CA GLU D 53 -12.57 -26.51 -1.91
C GLU D 53 -13.33 -27.70 -1.29
N MET D 54 -13.80 -28.63 -2.12
CA MET D 54 -14.58 -29.78 -1.63
C MET D 54 -13.75 -31.05 -1.49
N MET D 55 -12.46 -30.89 -1.79
CA MET D 55 -11.49 -31.97 -1.84
C MET D 55 -11.14 -32.51 -0.44
N GLU D 56 -11.26 -33.83 -0.26
CA GLU D 56 -10.82 -34.54 0.96
C GLU D 56 -9.61 -35.40 0.61
N PHE D 57 -8.61 -35.42 1.48
CA PHE D 57 -7.42 -36.25 1.30
C PHE D 57 -7.47 -37.47 2.21
N TYR D 58 -6.99 -38.59 1.69
CA TYR D 58 -7.02 -39.80 2.47
C TYR D 58 -5.66 -40.43 2.48
N PHE D 59 -5.36 -41.07 3.61
CA PHE D 59 -4.09 -41.67 3.85
C PHE D 59 -4.31 -43.00 4.52
N ASN D 60 -3.72 -44.03 3.94
CA ASN D 60 -3.71 -45.35 4.54
C ASN D 60 -2.36 -45.58 5.29
N ARG D 61 -2.44 -45.57 6.62
CA ARG D 61 -1.31 -45.64 7.52
C ARG D 61 -1.44 -46.85 8.42
N GLY D 62 -0.73 -47.91 8.02
CA GLY D 62 -0.80 -49.19 8.69
C GLY D 62 -2.11 -49.92 8.47
N GLY D 63 -2.84 -49.58 7.41
CA GLY D 63 -4.11 -50.24 7.13
C GLY D 63 -5.27 -49.53 7.78
N THR D 64 -5.04 -48.36 8.33
CA THR D 64 -6.14 -47.61 8.89
C THR D 64 -6.26 -46.36 8.05
N TYR D 65 -7.50 -45.93 7.76
CA TYR D 65 -7.75 -44.76 6.92
C TYR D 65 -7.94 -43.48 7.74
N TYR D 66 -7.09 -42.49 7.46
CA TYR D 66 -7.18 -41.14 8.04
C TYR D 66 -7.50 -40.18 6.91
N SER D 67 -8.28 -39.14 7.18
CA SER D 67 -8.62 -38.21 6.13
C SER D 67 -8.36 -36.80 6.64
N ILE D 68 -8.50 -35.84 5.75
CA ILE D 68 -8.36 -34.42 6.10
C ILE D 68 -8.87 -33.59 4.95
N SER D 69 -9.53 -32.48 5.29
CA SER D 69 -9.98 -31.54 4.28
C SER D 69 -8.77 -30.83 3.72
N ALA D 70 -8.75 -30.73 2.40
CA ALA D 70 -7.71 -30.02 1.67
C ALA D 70 -7.53 -28.64 2.28
N GLY D 71 -8.58 -28.14 2.91
CA GLY D 71 -8.57 -26.80 3.45
C GLY D 71 -7.80 -26.69 4.74
N ASN D 72 -7.50 -27.82 5.37
CA ASN D 72 -6.85 -27.77 6.64
C ASN D 72 -5.45 -28.27 6.62
N VAL D 73 -4.86 -28.47 5.46
CA VAL D 73 -3.50 -28.97 5.55
C VAL D 73 -2.63 -27.77 5.31
N VAL D 74 -1.33 -27.93 5.50
CA VAL D 74 -0.37 -26.90 5.16
C VAL D 74 0.45 -27.45 4.03
N ILE D 75 0.58 -26.65 2.98
CA ILE D 75 1.36 -27.04 1.84
C ILE D 75 2.58 -26.14 1.71
N GLN D 76 3.75 -26.75 1.76
CA GLN D 76 4.96 -26.01 1.57
C GLN D 76 5.71 -26.56 0.38
N SER D 77 6.41 -25.68 -0.32
CA SER D 77 7.09 -26.08 -1.53
C SER D 77 8.47 -26.64 -1.22
N LEU D 78 9.09 -27.21 -2.24
CA LEU D 78 10.41 -27.83 -2.08
C LEU D 78 11.30 -26.84 -2.79
N ASP D 79 10.70 -26.12 -3.72
CA ASP D 79 11.40 -25.03 -4.39
C ASP D 79 10.42 -24.21 -5.26
N VAL D 80 10.89 -23.09 -5.83
CA VAL D 80 10.07 -22.23 -6.69
C VAL D 80 9.96 -22.85 -8.06
N GLY D 81 8.85 -22.57 -8.74
CA GLY D 81 8.62 -23.15 -10.05
C GLY D 81 7.43 -24.06 -9.92
N ALA D 82 7.07 -24.72 -11.03
CA ALA D 82 5.97 -25.67 -11.04
C ALA D 82 6.21 -26.71 -9.95
N GLN D 83 5.20 -26.99 -9.18
CA GLN D 83 5.50 -27.90 -8.14
C GLN D 83 5.27 -29.34 -8.55
N ASP D 84 6.33 -30.10 -8.36
CA ASP D 84 6.34 -31.51 -8.66
C ASP D 84 5.86 -32.26 -7.43
N VAL D 85 6.66 -32.27 -6.38
CA VAL D 85 6.22 -32.85 -5.15
C VAL D 85 6.28 -31.77 -4.07
N VAL D 86 5.36 -31.82 -3.11
CA VAL D 86 5.38 -30.85 -2.03
C VAL D 86 5.35 -31.50 -0.70
N LEU D 87 5.56 -30.67 0.32
CA LEU D 87 5.44 -31.08 1.70
C LEU D 87 4.04 -30.70 2.17
N MET D 88 3.43 -31.60 2.90
CA MET D 88 2.04 -31.42 3.28
C MET D 88 1.94 -31.82 4.74
N LYS D 89 1.35 -30.94 5.54
CA LYS D 89 1.17 -31.16 6.97
C LYS D 89 -0.25 -31.67 7.27
N VAL D 90 -0.32 -32.82 7.90
CA VAL D 90 -1.60 -33.51 8.12
C VAL D 90 -1.69 -33.90 9.58
N PRO D 91 -2.38 -33.04 10.33
CA PRO D 91 -2.37 -33.13 11.78
C PRO D 91 -3.10 -34.33 12.28
N THR D 92 -4.01 -34.86 11.48
CA THR D 92 -4.74 -36.06 11.87
C THR D 92 -3.96 -37.35 11.74
N ILE D 93 -2.82 -37.29 11.07
CA ILE D 93 -2.02 -38.46 10.85
C ILE D 93 -1.17 -38.85 12.07
N PRO D 94 -1.17 -40.14 12.44
CA PRO D 94 -0.28 -40.63 13.49
C PRO D 94 1.14 -40.28 13.05
N LYS D 95 1.89 -39.68 13.96
CA LYS D 95 3.18 -39.10 13.65
C LYS D 95 4.18 -40.10 13.12
N PHE D 96 5.10 -39.59 12.31
CA PHE D 96 6.16 -40.41 11.72
C PHE D 96 7.48 -40.21 12.40
N ARG D 97 8.26 -41.28 12.37
CA ARG D 97 9.64 -41.28 12.77
C ARG D 97 10.34 -40.29 11.88
N ASP D 98 11.41 -39.69 12.39
CA ASP D 98 12.18 -38.69 11.64
C ASP D 98 13.14 -39.38 10.69
N ILE D 99 13.01 -39.15 9.40
CA ILE D 99 13.90 -39.82 8.45
C ILE D 99 14.48 -38.76 7.55
N THR D 100 14.31 -37.48 7.93
CA THR D 100 14.87 -36.37 7.15
C THR D 100 16.38 -36.45 7.00
N GLN D 101 17.06 -36.98 8.01
CA GLN D 101 18.50 -37.03 7.92
C GLN D 101 19.00 -38.13 7.01
N HIS D 102 18.09 -39.00 6.56
CA HIS D 102 18.45 -40.08 5.67
C HIS D 102 18.37 -39.60 4.22
N PHE D 103 17.79 -38.45 3.97
CA PHE D 103 17.83 -37.88 2.64
C PHE D 103 19.21 -37.35 2.28
N ILE D 104 19.49 -37.39 0.99
CA ILE D 104 20.78 -36.94 0.50
C ILE D 104 20.99 -35.42 0.61
N LYS D 105 22.22 -35.04 0.89
CA LYS D 105 22.61 -33.64 0.93
C LYS D 105 22.86 -33.21 -0.48
N LYS D 106 22.45 -31.99 -0.82
CA LYS D 106 22.59 -31.51 -2.15
C LYS D 106 24.03 -31.61 -2.60
N GLY D 107 24.93 -31.54 -1.63
CA GLY D 107 26.36 -31.64 -1.91
C GLY D 107 26.78 -33.06 -2.27
N ASP D 108 26.07 -34.07 -1.77
CA ASP D 108 26.46 -35.43 -2.06
C ASP D 108 25.84 -36.00 -3.34
N VAL D 109 24.94 -35.26 -3.96
CA VAL D 109 24.21 -35.70 -5.13
C VAL D 109 25.01 -36.48 -6.18
N PRO D 110 26.23 -36.06 -6.45
CA PRO D 110 27.05 -36.75 -7.46
C PRO D 110 27.54 -38.13 -7.05
N ARG D 111 27.50 -38.43 -5.76
CA ARG D 111 27.98 -39.73 -5.31
C ARG D 111 26.98 -40.85 -5.64
N ALA D 112 25.81 -40.47 -6.12
CA ALA D 112 24.71 -41.40 -6.31
C ALA D 112 24.50 -41.62 -7.80
N LEU D 113 25.19 -40.81 -8.58
CA LEU D 113 25.13 -40.85 -10.03
C LEU D 113 25.84 -42.09 -10.51
N ASN D 114 25.42 -42.65 -11.64
CA ASN D 114 26.07 -43.83 -12.19
C ASN D 114 26.09 -45.07 -11.33
N ARG D 115 25.19 -45.14 -10.34
CA ARG D 115 25.08 -46.28 -9.43
C ARG D 115 23.66 -46.69 -9.40
N LEU D 116 23.43 -47.87 -8.86
CA LEU D 116 22.08 -48.37 -8.81
C LEU D 116 21.35 -47.74 -7.65
N ALA D 117 20.03 -47.88 -7.71
CA ALA D 117 19.11 -47.43 -6.66
C ALA D 117 17.88 -48.36 -6.68
N THR D 118 17.14 -48.38 -5.57
CA THR D 118 15.95 -49.20 -5.39
C THR D 118 14.81 -48.30 -5.10
N LEU D 119 13.73 -48.46 -5.85
CA LEU D 119 12.56 -47.66 -5.60
C LEU D 119 11.70 -48.39 -4.60
N VAL D 120 11.48 -47.76 -3.47
CA VAL D 120 10.78 -48.42 -2.39
C VAL D 120 9.35 -47.95 -2.39
N THR D 121 8.45 -48.76 -2.95
CA THR D 121 7.12 -48.26 -3.15
C THR D 121 6.06 -49.26 -2.77
N THR D 122 4.91 -49.08 -3.40
CA THR D 122 3.72 -49.84 -3.05
C THR D 122 2.64 -49.80 -4.07
N VAL D 123 2.48 -50.91 -4.82
CA VAL D 123 1.38 -51.01 -5.76
C VAL D 123 0.09 -51.44 -5.09
N ASN D 124 -0.85 -50.51 -5.12
CA ASN D 124 -2.09 -50.59 -4.36
C ASN D 124 -1.99 -51.04 -2.92
N GLY D 125 -0.92 -50.64 -2.25
CA GLY D 125 -0.84 -51.07 -0.89
C GLY D 125 0.08 -52.24 -0.95
N THR D 126 0.26 -52.83 -2.15
CA THR D 126 1.26 -53.90 -2.30
C THR D 126 2.67 -53.32 -2.34
N PRO D 127 3.39 -53.54 -1.24
CA PRO D 127 4.78 -53.13 -1.14
C PRO D 127 5.60 -53.89 -2.16
N MET D 128 6.55 -53.18 -2.77
CA MET D 128 7.43 -53.70 -3.80
C MET D 128 8.72 -52.92 -3.68
N LEU D 129 9.80 -53.53 -4.17
CA LEU D 129 11.10 -52.87 -4.37
C LEU D 129 11.35 -52.94 -5.86
N ILE D 130 11.73 -51.81 -6.44
CA ILE D 130 11.90 -51.72 -7.88
C ILE D 130 13.31 -51.26 -8.20
N SER D 131 14.12 -52.14 -8.79
CA SER D 131 15.51 -51.82 -9.11
C SER D 131 15.62 -50.82 -10.23
N GLU D 132 16.61 -49.95 -10.13
CA GLU D 132 16.81 -49.02 -11.20
C GLU D 132 18.24 -48.62 -11.29
N GLY D 133 18.57 -48.02 -12.42
CA GLY D 133 19.88 -47.39 -12.60
C GLY D 133 20.68 -48.25 -13.54
N PRO D 134 21.95 -47.89 -13.75
CA PRO D 134 22.60 -46.74 -13.10
C PRO D 134 21.95 -45.38 -13.29
N LEU D 135 21.92 -44.58 -12.23
CA LEU D 135 21.20 -43.30 -12.26
C LEU D 135 21.77 -42.15 -13.01
N LYS D 136 20.87 -41.41 -13.63
CA LYS D 136 21.22 -40.16 -14.23
C LYS D 136 20.41 -39.06 -13.57
N MET D 137 20.95 -37.85 -13.64
CA MET D 137 20.21 -36.67 -13.20
C MET D 137 19.95 -35.72 -14.38
N GLU D 138 18.68 -35.34 -14.53
CA GLU D 138 18.25 -34.43 -15.58
C GLU D 138 17.85 -33.12 -14.96
N GLU D 139 18.25 -32.02 -15.55
CA GLU D 139 17.92 -30.76 -14.95
C GLU D 139 16.46 -30.44 -15.23
N LYS D 140 15.99 -30.83 -16.41
CA LYS D 140 14.55 -30.77 -16.71
C LYS D 140 14.09 -32.10 -17.28
N ALA D 141 13.00 -32.62 -16.76
CA ALA D 141 12.42 -33.83 -17.34
C ALA D 141 10.92 -33.67 -17.54
N THR D 142 10.43 -34.10 -18.69
CA THR D 142 9.02 -33.97 -18.97
C THR D 142 8.45 -35.35 -19.16
N TYR D 143 7.26 -35.58 -18.63
CA TYR D 143 6.50 -36.80 -18.88
C TYR D 143 4.99 -36.46 -19.08
N VAL D 144 4.16 -37.49 -19.28
CA VAL D 144 2.72 -37.30 -19.44
C VAL D 144 1.93 -37.98 -18.33
N HIS D 145 1.12 -37.22 -17.60
CA HIS D 145 0.26 -37.82 -16.60
C HIS D 145 -1.15 -37.93 -17.16
N LYS D 146 -1.69 -39.15 -17.09
CA LYS D 146 -2.98 -39.43 -17.66
C LYS D 146 -4.04 -39.28 -16.57
N LYS D 147 -5.03 -38.44 -16.84
CA LYS D 147 -6.18 -38.28 -15.96
C LYS D 147 -7.21 -39.38 -16.25
N ASN D 148 -8.19 -39.52 -15.36
CA ASN D 148 -9.23 -40.52 -15.46
C ASN D 148 -10.04 -40.60 -16.76
N ASP D 149 -10.03 -39.52 -17.53
CA ASP D 149 -10.80 -39.47 -18.77
C ASP D 149 -9.80 -39.66 -19.90
N GLY D 150 -8.67 -40.28 -19.56
CA GLY D 150 -7.62 -40.59 -20.51
C GLY D 150 -7.06 -39.35 -21.15
N THR D 151 -7.54 -38.19 -20.68
CA THR D 151 -7.02 -36.92 -21.14
C THR D 151 -5.54 -36.87 -20.73
N THR D 152 -4.72 -36.31 -21.64
CA THR D 152 -3.24 -36.21 -21.56
C THR D 152 -2.66 -34.88 -21.05
N VAL D 153 -1.88 -34.93 -19.99
CA VAL D 153 -1.27 -33.70 -19.54
C VAL D 153 0.22 -33.87 -19.50
N ASP D 154 0.92 -33.07 -20.28
CA ASP D 154 2.38 -33.07 -20.25
C ASP D 154 2.81 -32.32 -19.00
N LEU D 155 3.70 -32.94 -18.21
CA LEU D 155 4.24 -32.30 -16.99
C LEU D 155 5.77 -32.37 -16.98
N THR D 156 6.41 -31.55 -16.17
CA THR D 156 7.86 -31.53 -16.09
C THR D 156 8.33 -31.96 -14.71
N VAL D 157 9.61 -31.70 -14.45
CA VAL D 157 10.25 -31.94 -13.16
C VAL D 157 11.58 -31.27 -13.35
N ASP D 158 11.98 -30.49 -12.35
CA ASP D 158 13.30 -29.88 -12.32
C ASP D 158 14.09 -30.71 -11.40
N GLN D 159 15.29 -31.05 -11.83
CA GLN D 159 16.18 -31.87 -11.04
C GLN D 159 15.53 -33.20 -10.70
N ALA D 160 15.58 -34.10 -11.69
CA ALA D 160 15.05 -35.46 -11.59
C ALA D 160 16.03 -36.57 -11.96
N TRP D 161 15.98 -37.62 -11.17
CA TRP D 161 16.76 -38.77 -11.42
C TRP D 161 16.04 -39.56 -12.50
N ARG D 162 16.80 -40.12 -13.44
CA ARG D 162 16.29 -41.03 -14.47
C ARG D 162 17.15 -42.32 -14.42
N GLY D 163 16.50 -43.47 -14.34
CA GLY D 163 17.19 -44.76 -14.34
C GLY D 163 16.33 -45.84 -15.02
N LYS D 164 16.99 -46.77 -15.70
CA LYS D 164 16.31 -47.88 -16.37
C LYS D 164 15.52 -48.58 -15.33
N GLY D 165 14.27 -48.93 -15.58
CA GLY D 165 13.54 -49.63 -14.53
C GLY D 165 12.19 -50.03 -15.00
N GLU D 166 11.63 -51.03 -14.32
CA GLU D 166 10.36 -51.65 -14.66
C GLU D 166 9.26 -50.68 -14.34
N GLY D 167 8.64 -50.18 -15.39
CA GLY D 167 7.59 -49.18 -15.29
C GLY D 167 6.29 -49.79 -14.81
N LEU D 168 6.28 -50.29 -13.57
CA LEU D 168 5.05 -50.74 -12.96
C LEU D 168 4.11 -49.57 -12.65
N PRO D 169 2.84 -49.91 -12.57
CA PRO D 169 1.76 -48.96 -12.35
C PRO D 169 1.55 -48.59 -10.89
N GLY D 170 0.99 -47.42 -10.61
CA GLY D 170 0.71 -47.04 -9.24
C GLY D 170 1.89 -46.78 -8.27
N MET D 171 3.12 -46.78 -8.76
CA MET D 171 4.27 -46.50 -7.91
C MET D 171 4.58 -45.03 -7.48
N CYS D 172 3.88 -44.02 -8.04
CA CYS D 172 4.15 -42.63 -7.65
C CYS D 172 4.08 -42.40 -6.14
N GLY D 173 5.01 -41.58 -5.66
CA GLY D 173 5.07 -41.23 -4.25
C GLY D 173 6.00 -42.12 -3.46
N GLY D 174 6.57 -43.15 -4.09
CA GLY D 174 7.51 -44.03 -3.39
C GLY D 174 8.90 -43.37 -3.33
N ALA D 175 9.78 -43.89 -2.49
CA ALA D 175 11.09 -43.30 -2.30
C ALA D 175 12.23 -44.10 -2.95
N LEU D 176 13.11 -43.39 -3.63
CA LEU D 176 14.25 -43.96 -4.31
C LEU D 176 15.49 -43.97 -3.42
N VAL D 177 16.06 -45.14 -3.18
CA VAL D 177 17.15 -45.31 -2.22
C VAL D 177 18.44 -45.66 -2.92
N SER D 178 19.50 -44.89 -2.67
CA SER D 178 20.79 -45.15 -3.28
C SER D 178 21.50 -46.44 -2.88
N SER D 179 22.14 -47.08 -3.85
CA SER D 179 22.89 -48.31 -3.58
C SER D 179 24.25 -47.98 -2.93
N ASN D 180 24.70 -46.74 -3.04
CA ASN D 180 25.96 -46.33 -2.44
C ASN D 180 25.96 -46.26 -0.89
N GLN D 181 26.68 -47.22 -0.32
CA GLN D 181 26.74 -47.42 1.12
C GLN D 181 27.59 -46.32 1.74
N SER D 182 28.37 -45.67 0.87
CA SER D 182 29.27 -44.63 1.31
C SER D 182 28.52 -43.41 1.71
N ILE D 183 27.37 -43.18 1.11
CA ILE D 183 26.51 -42.10 1.53
C ILE D 183 25.36 -42.69 2.30
N GLN D 184 25.63 -43.79 2.98
CA GLN D 184 24.60 -44.50 3.72
C GLN D 184 23.28 -44.72 3.02
N ASN D 185 23.33 -45.15 1.76
CA ASN D 185 22.14 -45.53 1.00
C ASN D 185 21.06 -44.45 1.09
N ALA D 186 21.53 -43.22 0.97
CA ALA D 186 20.68 -42.04 1.05
C ALA D 186 19.40 -42.13 0.25
N ILE D 187 18.35 -41.50 0.76
CA ILE D 187 17.11 -41.37 0.06
C ILE D 187 17.33 -40.19 -0.86
N LEU D 188 17.04 -40.41 -2.15
CA LEU D 188 17.37 -39.48 -3.20
C LEU D 188 16.21 -38.58 -3.67
N GLY D 189 14.98 -39.06 -3.49
CA GLY D 189 13.83 -38.40 -4.10
C GLY D 189 12.59 -39.27 -4.18
N ILE D 190 11.60 -38.74 -4.86
CA ILE D 190 10.25 -39.33 -4.91
C ILE D 190 9.85 -39.68 -6.34
N HIS D 191 9.41 -40.91 -6.56
CA HIS D 191 8.92 -41.30 -7.88
C HIS D 191 7.75 -40.47 -8.43
N VAL D 192 7.91 -39.95 -9.62
CA VAL D 192 6.83 -39.18 -10.22
C VAL D 192 6.35 -39.70 -11.59
N ALA D 193 7.18 -40.48 -12.30
CA ALA D 193 6.83 -40.91 -13.65
C ALA D 193 7.66 -42.07 -14.16
N GLY D 194 7.18 -42.71 -15.23
CA GLY D 194 7.87 -43.85 -15.84
C GLY D 194 7.27 -44.19 -17.19
N GLY D 195 7.90 -45.10 -17.90
CA GLY D 195 7.38 -45.52 -19.20
C GLY D 195 8.61 -45.80 -20.03
N ASN D 196 8.51 -46.75 -20.93
CA ASN D 196 9.66 -47.02 -21.76
C ASN D 196 10.88 -47.42 -20.98
N SER D 197 10.70 -48.28 -19.98
CA SER D 197 11.77 -48.78 -19.08
C SER D 197 12.62 -47.73 -18.41
N ILE D 198 12.10 -46.51 -18.32
CA ILE D 198 12.79 -45.41 -17.66
C ILE D 198 11.89 -44.96 -16.53
N LEU D 199 12.46 -44.80 -15.34
CA LEU D 199 11.72 -44.30 -14.17
C LEU D 199 12.28 -42.95 -13.76
N VAL D 200 11.38 -42.04 -13.39
CA VAL D 200 11.70 -40.65 -13.02
C VAL D 200 11.31 -40.30 -11.59
N ALA D 201 12.30 -39.81 -10.87
CA ALA D 201 12.19 -39.43 -9.47
C ALA D 201 12.64 -38.00 -9.27
N LYS D 202 11.76 -37.19 -8.75
CA LYS D 202 12.15 -35.86 -8.33
C LYS D 202 13.23 -35.90 -7.23
N LEU D 203 14.33 -35.19 -7.42
CA LEU D 203 15.39 -35.07 -6.39
C LEU D 203 14.84 -34.34 -5.15
N VAL D 204 14.98 -34.93 -3.97
CA VAL D 204 14.57 -34.26 -2.76
C VAL D 204 15.76 -34.28 -1.81
N THR D 205 16.40 -33.13 -1.65
CA THR D 205 17.57 -33.04 -0.77
C THR D 205 17.22 -32.74 0.67
N GLN D 206 18.09 -33.12 1.59
CA GLN D 206 17.88 -32.83 3.00
C GLN D 206 17.59 -31.35 3.24
N GLU D 207 18.14 -30.52 2.36
CA GLU D 207 18.03 -29.10 2.49
C GLU D 207 16.61 -28.62 2.23
N MET D 208 15.83 -29.38 1.48
CA MET D 208 14.49 -28.93 1.15
C MET D 208 13.53 -29.02 2.34
N PHE D 209 13.99 -29.60 3.44
CA PHE D 209 13.18 -29.66 4.64
C PHE D 209 13.46 -28.46 5.59
N GLN D 210 14.22 -27.47 5.12
CA GLN D 210 14.67 -26.36 5.96
C GLN D 210 13.60 -25.51 6.61
N ASN D 211 12.39 -25.51 6.04
CA ASN D 211 11.29 -24.75 6.60
C ASN D 211 10.39 -25.55 7.52
N ILE D 212 10.44 -26.88 7.47
CA ILE D 212 9.40 -27.61 8.19
C ILE D 212 9.32 -27.43 9.68
N ASP D 213 10.46 -27.12 10.29
CA ASP D 213 10.46 -26.97 11.72
C ASP D 213 10.25 -25.54 12.16
N LYS D 214 10.19 -24.64 11.20
CA LYS D 214 9.94 -23.25 11.48
C LYS D 214 8.57 -23.08 12.10
N LYS D 215 8.59 -22.57 13.33
CA LYS D 215 7.40 -22.50 14.15
C LYS D 215 6.23 -21.84 13.49
N ILE D 216 5.06 -22.32 13.91
CA ILE D 216 3.75 -21.87 13.45
C ILE D 216 3.62 -22.29 12.02
N GLU D 217 3.64 -23.61 11.86
CA GLU D 217 3.59 -24.26 10.56
C GLU D 217 2.31 -23.97 9.77
#